data_8Y5F
#
_entry.id   8Y5F
#
_cell.length_a   1.00
_cell.length_b   1.00
_cell.length_c   1.00
_cell.angle_alpha   90.00
_cell.angle_beta   90.00
_cell.angle_gamma   90.00
#
_symmetry.space_group_name_H-M   'P 1'
#
loop_
_entity.id
_entity.type
_entity.pdbx_description
1 polymer 'Spermidine/putrescine import ATP-binding protein PotA'
2 polymer 'Spermidine/putrescine transport system permease protein PotB'
3 polymer 'Spermidine/putrescine transport system permease protein PotC'
#
loop_
_entity_poly.entity_id
_entity_poly.type
_entity_poly.pdbx_seq_one_letter_code
_entity_poly.pdbx_strand_id
1 'polypeptide(L)'
;MGQSKKLNKQPSSLSPLVQLAGIRKCFDGKEVIPQLDLTINNGEFLTLLGPSGCGKTTVLRLIAGLETVDSGRIMLDNED
ITHVPAENRYVNTVFQSYALFPHMTVFENVAFGLRMQKTPAAEITPRVMEALRMVQLETFAQRKPHQLSGGQQQRVAIAR
AVVNKPRLLLLDQSLSALDYKLRKQMQNELKALQRKLGITFVFVTHDQEEALTMSDRIVVMRDGRIEQDGTPREIYEEPK
NLFVAGFIGEINMFNATVIERLDEQRVRANVEGRECNIYVNFAVEPGQKLHVLLRPEDLRVEEINDDNHAEGLIGYVRER
NYKGMTLESVVELENGKMVMVSEFFNEDDPDFDHSLDQKMAINWVESWEVVLADEEHK
;
A,D
2 'polypeptide(L)'
;MKNTSKFQNVVIVTIVGWLVLFVFLPNLMIIGTSFLTRDDASFVKMVFTLDNYTRLLDPLYFEVLLHSLNMALIATLACL
VLGYPFAWFLAKLPHKVRPLLLFLLIVPFWTNSLIRIYGLKIFLSTKGYLNEFLLWLGVIDTPIRIMFTPSAVIIGLVYI
LLPFMVMPLYSSIEKLDKPLLEAARDLGASKLQTFIRIIIPLTMPGIIAGCLLVMLPAMGLFYVSDLMGGAKNLLIGNVI
KVQFLNIRDWPFGAATSITLTIVMGLMLLVYWRASRLLNKKVELE
;
B
3 'polypeptide(L)'
;MIGRLLRGGFMTAIYAYLYIPIIILIVNSFNSSRFGINWQGFTTKWYSLLMNNDSLLQAAQHSLTMAVFSATFATLIGSL
TAVALYRYRFRGKPFVSGMLFVVMMSPDIVMAISLLVLFMLLGIQLGFWSLLFSHITFCLPFVVVTVYSRLKGFDVRMLE
AAKDLGASEFTILRKIILPLAMPAVAAGWVLSFTLSMDDVVVSSFVTGPSYEILPLKIYSMVKVGVSPEVNALATILLVL
SLVMVIASQLIARDKTKGNTGDVK
;
C
#
# COMPACT_ATOMS: atom_id res chain seq x y z
N SER A 15 25.04 19.78 30.95
CA SER A 15 24.68 18.53 31.59
C SER A 15 24.33 17.47 30.56
N PRO A 16 25.25 16.55 30.31
CA PRO A 16 24.99 15.47 29.35
C PRO A 16 23.79 14.64 29.77
N LEU A 17 23.02 14.18 28.77
CA LEU A 17 21.87 13.33 28.99
C LEU A 17 22.06 11.93 28.43
N VAL A 18 22.44 11.82 27.16
CA VAL A 18 22.74 10.53 26.53
C VAL A 18 24.14 10.63 25.92
N GLN A 19 24.99 9.67 26.24
CA GLN A 19 26.37 9.64 25.76
C GLN A 19 26.62 8.31 25.07
N LEU A 20 26.83 8.36 23.75
CA LEU A 20 27.11 7.17 22.95
C LEU A 20 28.62 7.12 22.70
N ALA A 21 29.27 6.07 23.18
CA ALA A 21 30.72 5.93 23.09
C ALA A 21 31.07 4.62 22.39
N GLY A 22 31.70 4.73 21.22
CA GLY A 22 32.23 3.57 20.54
C GLY A 22 31.20 2.55 20.10
N ILE A 23 30.08 3.00 19.56
CA ILE A 23 29.02 2.09 19.16
C ILE A 23 29.24 1.61 17.73
N ARG A 24 29.23 0.30 17.54
CA ARG A 24 29.38 -0.33 16.23
C ARG A 24 28.23 -1.29 16.01
N LYS A 25 27.69 -1.32 14.79
CA LYS A 25 26.57 -2.17 14.46
C LYS A 25 26.81 -2.79 13.09
N CYS A 26 26.78 -4.12 13.02
CA CYS A 26 26.88 -4.86 11.77
C CYS A 26 25.60 -5.66 11.57
N PHE A 27 25.01 -5.55 10.38
CA PHE A 27 23.75 -6.22 10.07
C PHE A 27 23.96 -7.07 8.82
N ASP A 28 23.67 -8.37 8.95
CA ASP A 28 23.75 -9.32 7.84
C ASP A 28 25.12 -9.27 7.15
N GLY A 29 26.18 -9.16 7.96
CA GLY A 29 27.52 -9.08 7.43
C GLY A 29 27.90 -7.74 6.86
N LYS A 30 27.02 -6.74 6.95
CA LYS A 30 27.28 -5.40 6.43
C LYS A 30 27.33 -4.42 7.59
N GLU A 31 28.35 -3.56 7.60
CA GLU A 31 28.58 -2.62 8.69
C GLU A 31 27.87 -1.32 8.37
N VAL A 32 26.67 -1.14 8.92
CA VAL A 32 25.92 0.09 8.69
C VAL A 32 26.57 1.26 9.43
N ILE A 33 26.91 1.06 10.70
CA ILE A 33 27.53 2.08 11.53
C ILE A 33 28.86 1.55 12.03
N PRO A 34 29.97 1.95 11.39
CA PRO A 34 31.29 1.47 11.82
C PRO A 34 31.70 2.01 13.20
N GLN A 35 31.59 3.32 13.39
CA GLN A 35 32.01 3.95 14.63
C GLN A 35 31.20 5.23 14.81
N LEU A 36 30.82 5.50 16.06
CA LEU A 36 29.97 6.66 16.34
C LEU A 36 30.20 7.12 17.77
N ASP A 37 30.72 8.35 17.91
CA ASP A 37 30.82 9.02 19.20
C ASP A 37 29.96 10.28 19.15
N LEU A 38 28.99 10.38 20.05
CA LEU A 38 28.06 11.49 20.04
C LEU A 38 27.47 11.66 21.44
N THR A 39 27.39 12.92 21.88
CA THR A 39 26.81 13.25 23.18
C THR A 39 25.62 14.18 22.97
N ILE A 40 24.53 13.89 23.68
CA ILE A 40 23.29 14.66 23.60
C ILE A 40 23.10 15.40 24.92
N ASN A 41 22.90 16.71 24.85
CA ASN A 41 22.76 17.53 26.03
C ASN A 41 21.31 17.57 26.50
N ASN A 42 21.02 18.46 27.45
CA ASN A 42 19.71 18.55 28.08
C ASN A 42 19.04 19.85 27.66
N GLY A 43 17.82 19.73 27.11
CA GLY A 43 17.03 20.90 26.79
C GLY A 43 17.33 21.51 25.44
N GLU A 44 17.21 20.71 24.37
CA GLU A 44 17.45 21.22 23.03
C GLU A 44 16.66 20.41 22.02
N PHE A 45 16.57 20.95 20.80
CA PHE A 45 15.92 20.31 19.68
C PHE A 45 17.02 19.82 18.72
N LEU A 46 17.26 18.51 18.73
CA LEU A 46 18.33 17.91 17.95
C LEU A 46 17.73 17.23 16.72
N THR A 47 18.30 17.50 15.55
CA THR A 47 17.81 16.97 14.29
C THR A 47 18.93 16.24 13.57
N LEU A 48 18.65 15.02 13.12
CA LEU A 48 19.59 14.22 12.35
C LEU A 48 19.23 14.31 10.87
N LEU A 49 20.21 14.66 10.05
CA LEU A 49 19.98 14.91 8.63
C LEU A 49 20.92 14.07 7.79
N GLY A 50 20.47 13.75 6.57
CA GLY A 50 21.28 13.02 5.63
C GLY A 50 20.45 12.40 4.52
N PRO A 51 21.11 11.90 3.49
CA PRO A 51 20.40 11.20 2.42
C PRO A 51 19.90 9.84 2.90
N SER A 52 19.01 9.26 2.10
CA SER A 52 18.45 7.96 2.44
C SER A 52 19.53 6.89 2.48
N GLY A 53 19.45 6.02 3.49
CA GLY A 53 20.42 4.95 3.63
C GLY A 53 21.64 5.28 4.45
N CYS A 54 21.59 6.32 5.28
CA CYS A 54 22.72 6.68 6.12
C CYS A 54 22.70 6.00 7.49
N GLY A 55 21.52 5.65 7.99
CA GLY A 55 21.40 4.94 9.24
C GLY A 55 20.90 5.74 10.43
N LYS A 56 20.13 6.80 10.20
CA LYS A 56 19.56 7.56 11.32
C LYS A 56 18.56 6.71 12.11
N THR A 57 17.74 5.93 11.40
CA THR A 57 16.76 5.10 12.07
C THR A 57 17.42 4.05 12.96
N THR A 58 18.57 3.53 12.56
CA THR A 58 19.31 2.60 13.41
C THR A 58 19.75 3.28 14.70
N VAL A 59 20.27 4.49 14.60
CA VAL A 59 20.67 5.22 15.81
C VAL A 59 19.46 5.44 16.71
N LEU A 60 18.32 5.82 16.12
CA LEU A 60 17.12 6.04 16.90
C LEU A 60 16.69 4.76 17.62
N ARG A 61 16.75 3.62 16.92
CA ARG A 61 16.27 2.38 17.51
C ARG A 61 17.20 1.88 18.61
N LEU A 62 18.51 1.98 18.42
CA LEU A 62 19.44 1.65 19.50
C LEU A 62 19.28 2.58 20.70
N ILE A 63 19.00 3.87 20.45
CA ILE A 63 18.76 4.77 21.57
C ILE A 63 17.50 4.36 22.32
N ALA A 64 16.43 4.04 21.59
CA ALA A 64 15.19 3.65 22.24
C ALA A 64 15.27 2.26 22.86
N GLY A 65 16.19 1.43 22.38
CA GLY A 65 16.38 0.10 22.93
C GLY A 65 15.77 -1.04 22.15
N LEU A 66 15.18 -0.78 20.98
CA LEU A 66 14.57 -1.83 20.18
C LEU A 66 15.59 -2.73 19.50
N GLU A 67 16.88 -2.36 19.52
CA GLU A 67 17.93 -3.18 18.96
C GLU A 67 19.12 -3.17 19.91
N THR A 68 19.96 -4.20 19.80
CA THR A 68 21.14 -4.35 20.64
C THR A 68 22.39 -3.95 19.87
N VAL A 69 23.42 -3.55 20.61
CA VAL A 69 24.66 -3.07 20.03
C VAL A 69 25.71 -4.18 20.09
N ASP A 70 26.54 -4.26 19.05
CA ASP A 70 27.64 -5.21 19.05
C ASP A 70 28.78 -4.75 19.95
N SER A 71 28.96 -3.45 20.10
CA SER A 71 29.99 -2.90 20.97
C SER A 71 29.60 -1.48 21.36
N GLY A 72 30.19 -1.00 22.45
CA GLY A 72 29.96 0.35 22.92
C GLY A 72 29.08 0.38 24.16
N ARG A 73 28.90 1.60 24.65
CA ARG A 73 28.13 1.85 25.87
C ARG A 73 27.19 3.02 25.66
N ILE A 74 26.02 2.94 26.26
CA ILE A 74 25.02 4.01 26.24
C ILE A 74 24.66 4.33 27.68
N MET A 75 24.80 5.60 28.06
CA MET A 75 24.54 6.02 29.43
C MET A 75 23.53 7.15 29.47
N LEU A 76 22.59 7.07 30.42
CA LEU A 76 21.69 8.15 30.76
C LEU A 76 21.90 8.53 32.21
N ASP A 77 22.20 9.81 32.46
CA ASP A 77 22.43 10.32 33.81
C ASP A 77 23.47 9.49 34.55
N ASN A 78 24.54 9.12 33.85
CA ASN A 78 25.64 8.33 34.39
C ASN A 78 25.18 6.96 34.87
N GLU A 79 24.13 6.42 34.25
CA GLU A 79 23.66 5.06 34.50
C GLU A 79 23.67 4.30 33.19
N ASP A 80 24.27 3.12 33.19
CA ASP A 80 24.45 2.33 31.98
C ASP A 80 23.18 1.55 31.68
N ILE A 81 22.66 1.70 30.47
CA ILE A 81 21.45 0.99 30.06
C ILE A 81 21.68 0.27 28.74
N THR A 82 22.92 -0.12 28.47
CA THR A 82 23.24 -0.73 27.19
C THR A 82 22.51 -2.06 27.01
N HIS A 83 22.40 -2.85 28.08
CA HIS A 83 21.76 -4.16 28.01
C HIS A 83 20.38 -4.18 28.67
N VAL A 84 19.90 -3.04 29.13
CA VAL A 84 18.55 -2.98 29.72
C VAL A 84 17.52 -3.20 28.62
N PRO A 85 16.54 -4.07 28.81
CA PRO A 85 15.51 -4.28 27.78
C PRO A 85 14.68 -3.03 27.57
N ALA A 86 14.08 -2.94 26.38
CA ALA A 86 13.34 -1.75 26.00
C ALA A 86 11.95 -1.72 26.62
N GLU A 87 11.88 -1.91 27.93
CA GLU A 87 10.65 -1.74 28.69
C GLU A 87 10.84 -0.98 29.99
N ASN A 88 12.08 -0.78 30.44
CA ASN A 88 12.37 -0.05 31.66
C ASN A 88 13.03 1.30 31.40
N ARG A 89 13.48 1.55 30.17
CA ARG A 89 14.10 2.84 29.85
C ARG A 89 13.06 3.95 29.87
N TYR A 90 13.48 5.13 30.31
CA TYR A 90 12.63 6.32 30.28
C TYR A 90 12.76 7.07 28.96
N VAL A 91 12.58 6.34 27.86
CA VAL A 91 12.71 6.89 26.52
C VAL A 91 11.48 6.49 25.72
N ASN A 92 10.86 7.46 25.05
CA ASN A 92 9.67 7.23 24.25
C ASN A 92 9.93 7.63 22.81
N THR A 93 9.22 7.01 21.88
CA THR A 93 9.41 7.24 20.46
C THR A 93 8.07 7.45 19.77
N VAL A 94 8.11 8.17 18.65
CA VAL A 94 6.94 8.44 17.82
C VAL A 94 7.20 7.84 16.45
N PHE A 95 6.28 7.00 15.99
CA PHE A 95 6.49 6.24 14.76
C PHE A 95 5.98 7.00 13.54
N GLN A 96 6.39 6.53 12.36
CA GLN A 96 6.00 7.17 11.11
C GLN A 96 4.55 6.85 10.75
N SER A 97 4.12 5.62 11.00
CA SER A 97 2.74 5.21 10.76
C SER A 97 1.84 5.45 11.95
N TYR A 98 2.37 6.08 13.01
CA TYR A 98 1.65 6.48 14.22
C TYR A 98 1.31 5.29 15.11
N ALA A 99 1.51 4.07 14.61
CA ALA A 99 1.36 2.83 15.37
C ALA A 99 0.18 2.87 16.32
N LEU A 100 -0.99 3.20 15.78
CA LEU A 100 -2.17 3.41 16.60
C LEU A 100 -3.00 2.14 16.71
N PHE A 101 -3.46 1.85 17.92
CA PHE A 101 -4.30 0.68 18.16
C PHE A 101 -5.71 0.93 17.63
N PRO A 102 -6.23 0.09 16.75
CA PRO A 102 -7.53 0.39 16.12
C PRO A 102 -8.72 0.13 17.02
N HIS A 103 -8.65 -0.90 17.86
CA HIS A 103 -9.79 -1.30 18.66
C HIS A 103 -9.98 -0.47 19.92
N MET A 104 -9.03 0.42 20.24
CA MET A 104 -9.13 1.27 21.41
C MET A 104 -9.58 2.67 20.98
N THR A 105 -9.87 3.51 21.97
CA THR A 105 -10.24 4.89 21.73
C THR A 105 -9.03 5.81 21.98
N VAL A 106 -9.24 7.11 21.79
CA VAL A 106 -8.19 8.08 22.07
C VAL A 106 -7.81 8.05 23.54
N PHE A 107 -8.80 8.01 24.43
CA PHE A 107 -8.53 7.94 25.86
C PHE A 107 -7.76 6.66 26.19
N GLU A 108 -8.21 5.53 25.65
CA GLU A 108 -7.53 4.26 25.93
C GLU A 108 -6.12 4.25 25.35
N ASN A 109 -5.94 4.76 24.13
CA ASN A 109 -4.61 4.81 23.53
C ASN A 109 -3.67 5.66 24.38
N VAL A 110 -4.13 6.81 24.85
CA VAL A 110 -3.27 7.68 25.62
C VAL A 110 -2.97 7.08 26.99
N ALA A 111 -3.97 6.46 27.63
CA ALA A 111 -3.81 5.92 28.96
C ALA A 111 -3.20 4.53 29.00
N PHE A 112 -2.92 3.93 27.85
CA PHE A 112 -2.27 2.63 27.83
C PHE A 112 -0.96 2.65 28.59
N GLY A 113 -0.18 3.72 28.43
CA GLY A 113 1.10 3.80 29.12
C GLY A 113 0.95 3.92 30.63
N LEU A 114 -0.01 4.72 31.10
CA LEU A 114 -0.19 4.91 32.53
C LEU A 114 -0.76 3.68 33.20
N ARG A 115 -1.67 2.98 32.52
CA ARG A 115 -2.36 1.84 33.13
C ARG A 115 -1.41 0.70 33.44
N MET A 116 -0.23 0.69 32.84
CA MET A 116 0.71 -0.41 32.98
C MET A 116 1.97 -0.02 33.75
N GLN A 117 1.92 1.11 34.47
CA GLN A 117 2.97 1.52 35.39
C GLN A 117 2.50 1.44 36.85
N LYS A 118 1.42 0.72 37.10
CA LYS A 118 0.81 0.62 38.43
C LYS A 118 0.44 1.99 38.97
N THR A 119 -0.08 2.85 38.08
CA THR A 119 -0.52 4.19 38.44
C THR A 119 -1.86 4.15 39.16
N PRO A 120 -2.01 4.88 40.26
CA PRO A 120 -3.30 4.92 40.94
C PRO A 120 -4.40 5.43 40.03
N ALA A 121 -5.60 4.85 40.18
CA ALA A 121 -6.70 5.15 39.28
C ALA A 121 -7.28 6.54 39.52
N ALA A 122 -6.97 7.18 40.65
CA ALA A 122 -7.52 8.49 40.94
C ALA A 122 -6.81 9.60 40.18
N GLU A 123 -5.70 9.31 39.51
CA GLU A 123 -4.93 10.32 38.81
C GLU A 123 -4.84 10.09 37.30
N ILE A 124 -5.33 8.95 36.80
CA ILE A 124 -5.17 8.64 35.39
C ILE A 124 -5.97 9.60 34.53
N THR A 125 -7.24 9.83 34.89
CA THR A 125 -8.10 10.67 34.04
C THR A 125 -7.62 12.10 33.93
N PRO A 126 -7.31 12.83 35.01
CA PRO A 126 -6.84 14.21 34.83
C PRO A 126 -5.55 14.32 34.03
N ARG A 127 -4.61 13.39 34.22
CA ARG A 127 -3.36 13.45 33.48
C ARG A 127 -3.60 13.31 31.97
N VAL A 128 -4.37 12.30 31.58
CA VAL A 128 -4.66 12.09 30.17
C VAL A 128 -5.43 13.27 29.60
N MET A 129 -6.43 13.76 30.34
CA MET A 129 -7.29 14.81 29.83
C MET A 129 -6.52 16.11 29.64
N GLU A 130 -5.59 16.41 30.56
CA GLU A 130 -4.77 17.60 30.41
C GLU A 130 -3.67 17.41 29.37
N ALA A 131 -3.23 16.17 29.15
CA ALA A 131 -2.27 15.92 28.08
C ALA A 131 -2.91 16.14 26.73
N LEU A 132 -4.20 15.83 26.60
CA LEU A 132 -4.91 16.16 25.37
C LEU A 132 -5.09 17.66 25.21
N ARG A 133 -5.03 18.42 26.31
CA ARG A 133 -5.10 19.88 26.22
C ARG A 133 -3.88 20.47 25.52
N MET A 134 -2.69 19.96 25.85
CA MET A 134 -1.47 20.44 25.20
C MET A 134 -1.43 20.05 23.73
N VAL A 135 -2.33 19.17 23.31
CA VAL A 135 -2.39 18.70 21.93
C VAL A 135 -3.58 19.27 21.17
N GLN A 136 -4.54 19.89 21.86
CA GLN A 136 -5.78 20.41 21.26
C GLN A 136 -6.61 19.29 20.63
N LEU A 137 -6.98 18.33 21.48
CA LEU A 137 -7.90 17.26 21.12
C LEU A 137 -8.90 17.04 22.24
N GLU A 138 -9.43 18.13 22.79
CA GLU A 138 -10.34 18.05 23.93
C GLU A 138 -11.62 17.31 23.56
N THR A 139 -12.18 17.60 22.38
CA THR A 139 -13.49 17.09 22.02
C THR A 139 -13.45 15.60 21.70
N PHE A 140 -12.36 15.13 21.10
CA PHE A 140 -12.29 13.78 20.53
C PHE A 140 -11.74 12.76 21.52
N ALA A 141 -11.99 12.94 22.82
CA ALA A 141 -11.48 11.99 23.80
C ALA A 141 -12.08 10.60 23.61
N GLN A 142 -13.36 10.52 23.30
CA GLN A 142 -14.07 9.25 23.18
C GLN A 142 -14.30 8.85 21.73
N ARG A 143 -13.59 9.44 20.78
CA ARG A 143 -13.74 9.13 19.36
C ARG A 143 -12.67 8.13 18.95
N LYS A 144 -13.10 7.04 18.31
CA LYS A 144 -12.18 5.99 17.89
C LYS A 144 -11.36 6.45 16.69
N PRO A 145 -10.20 5.82 16.45
CA PRO A 145 -9.46 6.08 15.20
C PRO A 145 -10.23 5.65 13.97
N HIS A 146 -9.64 5.86 12.79
CA HIS A 146 -10.24 5.63 11.48
C HIS A 146 -11.45 6.54 11.27
N GLN A 147 -11.73 7.40 12.25
CA GLN A 147 -12.67 8.51 12.10
C GLN A 147 -11.96 9.84 12.22
N LEU A 148 -10.63 9.84 12.28
CA LEU A 148 -9.82 11.04 12.46
C LEU A 148 -8.91 11.21 11.25
N SER A 149 -8.52 12.46 10.99
CA SER A 149 -7.62 12.75 9.88
C SER A 149 -6.19 12.37 10.25
N GLY A 150 -5.29 12.52 9.28
CA GLY A 150 -3.88 12.20 9.54
C GLY A 150 -3.24 13.09 10.58
N GLY A 151 -3.55 14.39 10.53
CA GLY A 151 -3.00 15.30 11.52
C GLY A 151 -3.46 14.97 12.92
N GLN A 152 -4.75 14.64 13.07
CA GLN A 152 -5.25 14.25 14.39
C GLN A 152 -4.63 12.95 14.87
N GLN A 153 -4.37 12.01 13.96
CA GLN A 153 -3.68 10.78 14.36
C GLN A 153 -2.26 11.06 14.82
N GLN A 154 -1.54 11.94 14.12
CA GLN A 154 -0.21 12.33 14.58
C GLN A 154 -0.26 13.01 15.94
N ARG A 155 -1.26 13.86 16.14
CA ARG A 155 -1.42 14.51 17.43
C ARG A 155 -1.69 13.50 18.54
N VAL A 156 -2.50 12.48 18.24
CA VAL A 156 -2.76 11.41 19.20
C VAL A 156 -1.48 10.67 19.54
N ALA A 157 -0.66 10.38 18.52
CA ALA A 157 0.61 9.69 18.78
C ALA A 157 1.53 10.52 19.66
N ILE A 158 1.62 11.82 19.39
CA ILE A 158 2.47 12.69 20.22
C ILE A 158 1.96 12.73 21.65
N ALA A 159 0.64 12.85 21.83
CA ALA A 159 0.06 12.85 23.16
C ALA A 159 0.36 11.55 23.89
N ARG A 160 0.22 10.42 23.19
CA ARG A 160 0.50 9.12 23.80
C ARG A 160 1.95 9.02 24.23
N ALA A 161 2.86 9.57 23.43
CA ALA A 161 4.28 9.51 23.78
C ALA A 161 4.63 10.47 24.92
N VAL A 162 3.87 11.55 25.10
CA VAL A 162 4.27 12.59 26.04
C VAL A 162 3.87 12.25 27.48
N VAL A 163 2.75 11.54 27.68
CA VAL A 163 2.14 11.43 29.01
C VAL A 163 3.11 10.81 30.02
N ASN A 164 3.88 9.81 29.59
CA ASN A 164 4.73 9.07 30.51
C ASN A 164 5.84 9.93 31.10
N LYS A 165 5.99 11.16 30.60
CA LYS A 165 7.00 12.12 31.04
C LYS A 165 8.39 11.52 30.91
N PRO A 166 8.87 11.29 29.70
CA PRO A 166 10.21 10.73 29.52
C PRO A 166 11.28 11.81 29.59
N ARG A 167 12.53 11.36 29.68
CA ARG A 167 13.67 12.25 29.67
C ARG A 167 14.19 12.54 28.26
N LEU A 168 13.67 11.86 27.24
CA LEU A 168 14.10 12.05 25.87
C LEU A 168 13.03 11.51 24.95
N LEU A 169 12.46 12.37 24.10
CA LEU A 169 11.45 11.97 23.14
C LEU A 169 12.08 11.85 21.76
N LEU A 170 11.81 10.75 21.07
CA LEU A 170 12.36 10.49 19.75
C LEU A 170 11.25 10.57 18.72
N LEU A 171 11.52 11.25 17.61
CA LEU A 171 10.59 11.37 16.50
C LEU A 171 11.24 10.86 15.22
N ASP A 172 10.47 10.13 14.43
CA ASP A 172 10.97 9.50 13.20
C ASP A 172 10.06 9.91 12.04
N GLN A 173 10.44 10.99 11.35
CA GLN A 173 9.72 11.46 10.17
C GLN A 173 8.23 11.65 10.48
N SER A 174 7.96 12.39 11.56
CA SER A 174 6.59 12.51 12.06
C SER A 174 5.68 13.22 11.07
N LEU A 175 6.16 14.32 10.48
CA LEU A 175 5.33 15.18 9.64
C LEU A 175 5.65 15.01 8.15
N SER A 176 5.91 13.79 7.72
CA SER A 176 6.29 13.57 6.32
C SER A 176 5.08 13.36 5.42
N ALA A 177 3.98 12.83 5.97
CA ALA A 177 2.85 12.39 5.15
C ALA A 177 1.77 13.45 4.98
N LEU A 178 1.92 14.63 5.58
CA LEU A 178 0.88 15.64 5.49
C LEU A 178 1.20 16.66 4.38
N ASP A 179 0.26 17.57 4.16
CA ASP A 179 0.38 18.58 3.13
C ASP A 179 1.27 19.72 3.63
N TYR A 180 1.28 20.83 2.90
CA TYR A 180 2.25 21.89 3.15
C TYR A 180 1.85 22.75 4.35
N LYS A 181 0.67 23.36 4.30
CA LYS A 181 0.28 24.33 5.33
C LYS A 181 0.14 23.69 6.69
N LEU A 182 -0.47 22.50 6.76
CA LEU A 182 -0.64 21.83 8.05
C LEU A 182 0.70 21.43 8.62
N ARG A 183 1.63 20.99 7.78
CA ARG A 183 2.98 20.69 8.23
C ARG A 183 3.67 21.93 8.77
N LYS A 184 3.53 23.06 8.08
CA LYS A 184 4.13 24.30 8.55
C LYS A 184 3.55 24.73 9.89
N GLN A 185 2.25 24.51 10.09
CA GLN A 185 1.64 24.82 11.38
C GLN A 185 2.19 23.92 12.48
N MET A 186 2.24 22.60 12.22
CA MET A 186 2.71 21.68 13.24
C MET A 186 4.20 21.87 13.55
N GLN A 187 4.98 22.45 12.63
CA GLN A 187 6.37 22.74 12.95
C GLN A 187 6.46 23.71 14.12
N ASN A 188 5.77 24.85 14.01
CA ASN A 188 5.76 25.82 15.10
C ASN A 188 5.09 25.25 16.33
N GLU A 189 4.05 24.43 16.15
CA GLU A 189 3.40 23.81 17.29
C GLU A 189 4.36 22.91 18.07
N LEU A 190 5.15 22.11 17.35
CA LEU A 190 6.12 21.23 18.00
C LEU A 190 7.23 22.02 18.69
N LYS A 191 7.69 23.10 18.06
CA LYS A 191 8.71 23.93 18.70
C LYS A 191 8.18 24.54 19.99
N ALA A 192 6.94 25.04 19.96
CA ALA A 192 6.32 25.61 21.16
C ALA A 192 6.15 24.55 22.24
N LEU A 193 5.74 23.34 21.85
CA LEU A 193 5.56 22.26 22.81
C LEU A 193 6.90 21.89 23.47
N GLN A 194 7.97 21.82 22.67
CA GLN A 194 9.28 21.51 23.22
C GLN A 194 9.74 22.60 24.19
N ARG A 195 9.50 23.87 23.83
CA ARG A 195 9.87 24.96 24.74
C ARG A 195 9.07 24.90 26.03
N LYS A 196 7.78 24.53 25.93
CA LYS A 196 6.92 24.53 27.12
C LYS A 196 7.25 23.37 28.05
N LEU A 197 7.45 22.17 27.50
CA LEU A 197 7.65 21.00 28.35
C LEU A 197 8.97 21.06 29.10
N GLY A 198 10.08 21.09 28.36
CA GLY A 198 11.38 21.17 28.98
C GLY A 198 12.19 19.90 28.91
N ILE A 199 12.02 19.13 27.82
CA ILE A 199 12.76 17.90 27.61
C ILE A 199 13.36 17.91 26.21
N THR A 200 14.39 17.10 26.02
CA THR A 200 15.12 17.09 24.77
C THR A 200 14.40 16.25 23.73
N PHE A 201 14.39 16.75 22.49
CA PHE A 201 13.75 16.10 21.36
C PHE A 201 14.82 15.70 20.35
N VAL A 202 14.65 14.52 19.74
CA VAL A 202 15.50 14.06 18.66
C VAL A 202 14.63 13.80 17.44
N PHE A 203 15.00 14.40 16.32
CA PHE A 203 14.20 14.37 15.10
C PHE A 203 15.03 13.78 13.97
N VAL A 204 14.44 12.87 13.21
CA VAL A 204 15.06 12.29 12.02
C VAL A 204 14.21 12.69 10.83
N THR A 205 14.81 13.39 9.87
CA THR A 205 14.07 13.89 8.73
C THR A 205 15.00 14.01 7.53
N HIS A 206 14.40 14.03 6.34
CA HIS A 206 15.13 14.22 5.09
C HIS A 206 15.03 15.63 4.54
N ASP A 207 14.06 16.41 5.01
CA ASP A 207 13.90 17.78 4.54
C ASP A 207 14.99 18.68 5.11
N GLN A 208 15.25 19.77 4.41
CA GLN A 208 16.30 20.72 4.77
C GLN A 208 15.76 21.95 5.49
N GLU A 209 14.76 22.62 4.89
CA GLU A 209 14.17 23.77 5.55
C GLU A 209 13.47 23.36 6.84
N GLU A 210 12.93 22.14 6.89
CA GLU A 210 12.34 21.65 8.13
C GLU A 210 13.38 21.58 9.25
N ALA A 211 14.57 21.08 8.94
CA ALA A 211 15.62 21.04 9.94
C ALA A 211 16.09 22.44 10.32
N LEU A 212 16.21 23.32 9.33
CA LEU A 212 16.74 24.66 9.61
C LEU A 212 15.75 25.54 10.36
N THR A 213 14.44 25.23 10.29
CA THR A 213 13.46 26.08 10.95
C THR A 213 13.47 25.92 12.47
N MET A 214 13.55 24.67 12.96
CA MET A 214 13.36 24.39 14.38
C MET A 214 14.67 24.16 15.13
N SER A 215 15.54 23.31 14.58
CA SER A 215 16.61 22.70 15.36
C SER A 215 17.59 23.71 15.91
N ASP A 216 18.02 23.49 17.15
CA ASP A 216 19.11 24.24 17.76
C ASP A 216 20.46 23.57 17.55
N ARG A 217 20.48 22.36 17.00
CA ARG A 217 21.72 21.64 16.74
C ARG A 217 21.45 20.59 15.67
N ILE A 218 22.24 20.61 14.61
CA ILE A 218 22.04 19.74 13.45
C ILE A 218 23.25 18.82 13.32
N VAL A 219 22.97 17.52 13.19
CA VAL A 219 24.00 16.51 12.97
C VAL A 219 23.73 15.87 11.62
N VAL A 220 24.74 15.89 10.74
CA VAL A 220 24.62 15.34 9.39
C VAL A 220 25.38 14.03 9.34
N MET A 221 24.73 12.99 8.82
CA MET A 221 25.31 11.66 8.74
C MET A 221 25.32 11.18 7.30
N ARG A 222 26.36 10.41 6.95
CA ARG A 222 26.45 9.80 5.62
C ARG A 222 27.19 8.48 5.77
N ASP A 223 26.55 7.39 5.34
CA ASP A 223 27.13 6.05 5.39
C ASP A 223 27.59 5.70 6.80
N GLY A 224 26.84 6.14 7.80
CA GLY A 224 27.16 5.85 9.19
C GLY A 224 28.23 6.73 9.81
N ARG A 225 28.67 7.78 9.13
CA ARG A 225 29.70 8.67 9.65
C ARG A 225 29.12 10.06 9.91
N ILE A 226 29.60 10.67 11.00
CA ILE A 226 29.21 12.03 11.33
C ILE A 226 30.08 13.00 10.54
N GLU A 227 29.44 13.96 9.86
CA GLU A 227 30.15 14.93 9.04
C GLU A 227 30.27 16.31 9.69
N GLN A 228 29.18 16.81 10.27
CA GLN A 228 29.20 18.13 10.89
C GLN A 228 28.20 18.15 12.04
N ASP A 229 28.44 19.04 12.99
CA ASP A 229 27.55 19.18 14.15
C ASP A 229 27.69 20.63 14.61
N GLY A 230 26.60 21.37 14.58
CA GLY A 230 26.64 22.76 15.03
C GLY A 230 25.32 23.46 14.80
N THR A 231 25.34 24.76 15.05
CA THR A 231 24.17 25.60 14.88
C THR A 231 23.76 25.64 13.40
N PRO A 232 22.48 25.88 13.10
CA PRO A 232 22.08 26.03 11.69
C PRO A 232 22.88 27.08 10.94
N ARG A 233 23.23 28.19 11.59
CA ARG A 233 24.12 29.16 10.96
C ARG A 233 25.48 28.54 10.67
N GLU A 234 26.01 27.76 11.62
CA GLU A 234 27.35 27.21 11.48
C GLU A 234 27.45 26.13 10.41
N ILE A 235 26.32 25.61 9.94
CA ILE A 235 26.34 24.55 8.93
C ILE A 235 25.94 25.12 7.58
N TYR A 236 25.00 26.08 7.58
CA TYR A 236 24.61 26.70 6.33
C TYR A 236 25.64 27.69 5.81
N GLU A 237 26.29 28.44 6.71
CA GLU A 237 27.22 29.49 6.29
C GLU A 237 28.68 29.12 6.41
N GLU A 238 29.02 28.08 7.19
CA GLU A 238 30.40 27.63 7.33
C GLU A 238 30.46 26.11 7.13
N PRO A 239 30.31 25.64 5.90
CA PRO A 239 30.47 24.20 5.63
C PRO A 239 31.91 23.76 5.84
N LYS A 240 32.07 22.48 6.17
CA LYS A 240 33.39 21.90 6.40
C LYS A 240 33.94 21.13 5.21
N ASN A 241 33.07 20.55 4.38
CA ASN A 241 33.51 19.78 3.23
C ASN A 241 32.57 20.04 2.07
N LEU A 242 32.90 19.46 0.91
CA LEU A 242 32.11 19.69 -0.29
C LEU A 242 30.73 19.08 -0.18
N PHE A 243 30.62 17.88 0.41
CA PHE A 243 29.33 17.20 0.50
C PHE A 243 28.35 18.00 1.35
N VAL A 244 28.80 18.54 2.49
CA VAL A 244 27.92 19.32 3.34
C VAL A 244 27.45 20.58 2.64
N ALA A 245 28.37 21.27 1.95
CA ALA A 245 28.01 22.49 1.24
C ALA A 245 27.01 22.21 0.13
N GLY A 246 27.20 21.11 -0.61
CA GLY A 246 26.28 20.79 -1.69
C GLY A 246 24.99 20.16 -1.25
N PHE A 247 24.93 19.65 -0.01
CA PHE A 247 23.72 18.98 0.45
C PHE A 247 22.60 19.96 0.77
N ILE A 248 22.93 21.08 1.42
CA ILE A 248 21.94 22.07 1.81
C ILE A 248 22.02 23.24 0.82
N GLY A 249 20.90 23.49 0.14
CA GLY A 249 20.87 24.59 -0.81
C GLY A 249 21.69 24.31 -2.06
N GLU A 250 21.91 25.38 -2.82
CA GLU A 250 22.68 25.34 -4.04
C GLU A 250 24.00 26.07 -3.84
N ILE A 251 25.07 25.54 -4.45
CA ILE A 251 26.40 26.10 -4.32
C ILE A 251 27.04 26.15 -5.70
N ASN A 252 28.02 27.04 -5.84
CA ASN A 252 28.78 27.20 -7.08
C ASN A 252 30.24 26.89 -6.79
N MET A 253 30.76 25.85 -7.44
CA MET A 253 32.12 25.39 -7.23
C MET A 253 33.05 26.06 -8.24
N PHE A 254 33.97 26.87 -7.74
CA PHE A 254 34.96 27.55 -8.56
C PHE A 254 36.36 27.06 -8.22
N ASN A 255 37.23 27.03 -9.22
CA ASN A 255 38.61 26.61 -9.04
C ASN A 255 39.52 27.82 -9.03
N ALA A 256 40.55 27.77 -8.17
CA ALA A 256 41.50 28.86 -8.08
C ALA A 256 42.87 28.31 -7.71
N THR A 257 43.90 29.07 -8.05
CA THR A 257 45.28 28.75 -7.74
C THR A 257 45.93 29.92 -7.02
N VAL A 258 46.55 29.64 -5.88
CA VAL A 258 47.12 30.70 -5.05
C VAL A 258 48.41 31.19 -5.67
N ILE A 259 48.56 32.52 -5.75
CA ILE A 259 49.75 33.14 -6.31
C ILE A 259 50.62 33.66 -5.18
N GLU A 260 50.09 34.59 -4.39
CA GLU A 260 50.82 35.17 -3.29
C GLU A 260 49.83 35.74 -2.28
N ARG A 261 50.31 35.94 -1.05
CA ARG A 261 49.50 36.47 0.03
C ARG A 261 49.73 37.97 0.15
N LEU A 262 48.64 38.73 0.20
CA LEU A 262 48.74 40.18 0.29
C LEU A 262 48.90 40.63 1.74
N ASP A 263 47.97 40.24 2.61
CA ASP A 263 47.99 40.64 4.01
C ASP A 263 47.50 39.46 4.85
N GLU A 264 47.23 39.73 6.13
CA GLU A 264 46.85 38.67 7.06
C GLU A 264 45.50 38.05 6.73
N GLN A 265 44.67 38.72 5.93
CA GLN A 265 43.35 38.19 5.59
C GLN A 265 43.03 38.26 4.11
N ARG A 266 44.01 38.53 3.25
CA ARG A 266 43.80 38.60 1.81
C ARG A 266 44.87 37.79 1.10
N VAL A 267 44.44 37.00 0.12
CA VAL A 267 45.33 36.14 -0.65
C VAL A 267 45.02 36.32 -2.13
N ARG A 268 46.03 36.63 -2.92
CA ARG A 268 45.87 36.73 -4.37
C ARG A 268 45.77 35.34 -4.97
N ALA A 269 44.90 35.19 -5.96
CA ALA A 269 44.70 33.91 -6.61
C ALA A 269 44.14 34.12 -8.01
N ASN A 270 44.25 33.08 -8.83
CA ASN A 270 43.75 33.09 -10.21
C ASN A 270 42.57 32.14 -10.28
N VAL A 271 41.37 32.69 -10.39
CA VAL A 271 40.14 31.91 -10.43
C VAL A 271 39.58 31.93 -11.84
N GLU A 272 39.43 30.74 -12.43
CA GLU A 272 38.83 30.58 -13.76
C GLU A 272 39.54 31.43 -14.81
N GLY A 273 40.88 31.48 -14.72
CA GLY A 273 41.67 32.20 -15.69
C GLY A 273 41.77 33.69 -15.49
N ARG A 274 41.18 34.23 -14.43
CA ARG A 274 41.25 35.65 -14.14
C ARG A 274 41.61 35.86 -12.68
N GLU A 275 42.52 36.80 -12.43
CA GLU A 275 42.97 37.06 -11.07
C GLU A 275 41.87 37.70 -10.24
N CYS A 276 41.94 37.46 -8.93
CA CYS A 276 40.95 38.00 -8.00
C CYS A 276 41.55 38.00 -6.60
N ASN A 277 40.87 38.70 -5.70
CA ASN A 277 41.26 38.79 -4.29
C ASN A 277 40.24 38.04 -3.44
N ILE A 278 40.73 37.16 -2.57
CA ILE A 278 39.88 36.36 -1.71
C ILE A 278 40.42 36.39 -0.29
N TYR A 279 39.56 36.02 0.66
CA TYR A 279 39.90 35.99 2.08
C TYR A 279 40.18 34.55 2.48
N VAL A 280 41.43 34.27 2.86
CA VAL A 280 41.84 32.95 3.33
C VAL A 280 42.54 33.14 4.68
N ASN A 281 42.10 32.36 5.68
CA ASN A 281 42.61 32.48 7.04
C ASN A 281 43.74 31.49 7.33
N PHE A 282 43.57 30.23 6.96
CA PHE A 282 44.57 29.22 7.29
C PHE A 282 45.82 29.41 6.44
N ALA A 283 46.92 28.82 6.91
CA ALA A 283 48.21 28.97 6.25
C ALA A 283 48.16 28.37 4.85
N VAL A 284 48.73 29.10 3.89
CA VAL A 284 48.74 28.67 2.49
C VAL A 284 50.15 28.89 1.94
N GLU A 285 50.49 28.12 0.91
CA GLU A 285 51.76 28.24 0.22
C GLU A 285 51.52 28.31 -1.29
N PRO A 286 52.40 28.98 -2.03
CA PRO A 286 52.20 29.11 -3.48
C PRO A 286 52.16 27.76 -4.17
N GLY A 287 51.35 27.68 -5.23
CA GLY A 287 51.19 26.45 -5.97
C GLY A 287 50.12 25.52 -5.45
N GLN A 288 49.40 25.90 -4.40
CA GLN A 288 48.35 25.06 -3.85
C GLN A 288 47.03 25.30 -4.59
N LYS A 289 46.17 24.29 -4.57
CA LYS A 289 44.86 24.35 -5.21
C LYS A 289 43.79 24.54 -4.15
N LEU A 290 42.93 25.54 -4.34
CA LEU A 290 41.88 25.86 -3.39
C LEU A 290 40.53 25.84 -4.09
N HIS A 291 39.48 25.60 -3.31
CA HIS A 291 38.11 25.64 -3.77
C HIS A 291 37.45 26.90 -3.26
N VAL A 292 36.80 27.64 -4.16
CA VAL A 292 36.03 28.83 -3.80
C VAL A 292 34.57 28.53 -4.05
N LEU A 293 33.77 28.54 -2.99
CA LEU A 293 32.35 28.22 -3.07
C LEU A 293 31.53 29.48 -2.81
N LEU A 294 30.58 29.76 -3.70
CA LEU A 294 29.69 30.89 -3.57
C LEU A 294 28.26 30.43 -3.77
N ARG A 295 27.34 31.06 -3.06
CA ARG A 295 25.93 30.75 -3.18
C ARG A 295 25.26 31.66 -4.20
N PRO A 296 24.18 31.20 -4.83
CA PRO A 296 23.58 31.98 -5.93
C PRO A 296 23.15 33.38 -5.54
N GLU A 297 22.69 33.58 -4.31
CA GLU A 297 22.19 34.90 -3.90
C GLU A 297 23.27 35.95 -3.86
N ASP A 298 24.54 35.54 -3.76
CA ASP A 298 25.64 36.47 -3.52
C ASP A 298 26.31 36.96 -4.81
N LEU A 299 25.88 36.47 -5.97
CA LEU A 299 26.49 36.86 -7.24
C LEU A 299 25.68 37.98 -7.88
N ARG A 300 26.34 39.08 -8.21
CA ARG A 300 25.72 40.19 -8.91
C ARG A 300 26.13 40.18 -10.37
N VAL A 301 25.15 40.29 -11.25
CA VAL A 301 25.38 40.25 -12.69
C VAL A 301 24.88 41.56 -13.30
N GLU A 302 25.73 42.22 -14.06
CA GLU A 302 25.40 43.48 -14.71
C GLU A 302 25.09 43.27 -16.18
N GLU A 303 24.52 44.31 -16.79
CA GLU A 303 24.14 44.27 -18.20
C GLU A 303 25.17 45.03 -19.03
N ILE A 304 25.76 44.37 -20.02
CA ILE A 304 26.73 44.98 -20.92
C ILE A 304 26.08 45.05 -22.29
N ASN A 305 25.47 46.19 -22.60
CA ASN A 305 24.84 46.37 -23.90
C ASN A 305 25.88 46.57 -24.99
N ASP A 306 26.69 47.64 -24.88
CA ASP A 306 27.76 47.92 -25.83
C ASP A 306 28.99 48.38 -25.03
N ASP A 307 29.82 47.42 -24.62
CA ASP A 307 31.09 47.69 -23.96
C ASP A 307 30.93 48.60 -22.74
N ASN A 308 29.95 48.28 -21.89
CA ASN A 308 29.69 49.04 -20.68
C ASN A 308 29.69 48.10 -19.50
N HIS A 309 30.43 48.47 -18.44
CA HIS A 309 30.56 47.67 -17.23
C HIS A 309 31.02 46.25 -17.54
N ALA A 310 32.18 46.15 -18.20
CA ALA A 310 32.77 44.88 -18.60
C ALA A 310 33.91 44.44 -17.67
N GLU A 311 33.79 44.72 -16.38
CA GLU A 311 34.84 44.42 -15.41
C GLU A 311 34.47 43.16 -14.63
N GLY A 312 35.44 42.28 -14.44
CA GLY A 312 35.25 41.05 -13.69
C GLY A 312 35.20 39.83 -14.57
N LEU A 313 34.66 38.76 -14.01
CA LEU A 313 34.44 37.53 -14.78
C LEU A 313 33.43 37.79 -15.90
N ILE A 314 33.68 37.15 -17.05
CA ILE A 314 32.88 37.38 -18.25
C ILE A 314 32.20 36.07 -18.63
N GLY A 315 30.89 36.14 -18.86
CA GLY A 315 30.11 34.99 -19.26
C GLY A 315 28.89 35.41 -20.03
N TYR A 316 28.18 34.42 -20.56
CA TYR A 316 26.97 34.66 -21.34
C TYR A 316 25.79 33.98 -20.67
N VAL A 317 24.66 34.69 -20.63
CA VAL A 317 23.42 34.14 -20.10
C VAL A 317 22.69 33.42 -21.23
N ARG A 318 22.12 32.26 -20.90
CA ARG A 318 21.46 31.42 -21.88
C ARG A 318 19.97 31.23 -21.64
N GLU A 319 19.50 31.31 -20.40
CA GLU A 319 18.10 31.06 -20.08
C GLU A 319 17.70 31.95 -18.92
N ARG A 320 16.39 32.12 -18.76
CA ARG A 320 15.83 32.91 -17.66
C ARG A 320 14.57 32.21 -17.19
N ASN A 321 14.64 31.58 -16.02
CA ASN A 321 13.52 30.84 -15.45
C ASN A 321 12.79 31.73 -14.45
N TYR A 322 11.47 31.59 -14.39
CA TYR A 322 10.62 32.39 -13.51
C TYR A 322 9.93 31.44 -12.53
N LYS A 323 10.32 31.53 -11.26
CA LYS A 323 9.75 30.71 -10.21
C LYS A 323 8.61 31.38 -9.46
N GLY A 324 8.18 32.56 -9.91
CA GLY A 324 7.13 33.30 -9.24
C GLY A 324 7.66 34.29 -8.22
N MET A 325 8.36 33.79 -7.21
CA MET A 325 8.96 34.65 -6.20
C MET A 325 10.37 35.09 -6.56
N THR A 326 11.15 34.22 -7.22
CA THR A 326 12.53 34.51 -7.57
C THR A 326 12.76 34.22 -9.03
N LEU A 327 13.69 34.95 -9.63
CA LEU A 327 14.09 34.76 -11.02
C LEU A 327 15.39 33.98 -11.06
N GLU A 328 15.41 32.89 -11.82
CA GLU A 328 16.54 32.00 -11.91
C GLU A 328 17.23 32.18 -13.26
N SER A 329 18.52 32.50 -13.23
CA SER A 329 19.30 32.74 -14.44
C SER A 329 20.53 31.84 -14.46
N VAL A 330 20.85 31.31 -15.62
CA VAL A 330 22.03 30.47 -15.82
C VAL A 330 22.99 31.21 -16.75
N VAL A 331 24.24 31.32 -16.33
CA VAL A 331 25.27 32.05 -17.07
C VAL A 331 26.34 31.07 -17.50
N GLU A 332 26.70 31.09 -18.78
CA GLU A 332 27.74 30.23 -19.32
C GLU A 332 29.04 31.02 -19.44
N LEU A 333 30.10 30.52 -18.84
CA LEU A 333 31.39 31.20 -18.84
C LEU A 333 32.18 30.85 -20.09
N GLU A 334 33.30 31.56 -20.28
CA GLU A 334 34.15 31.31 -21.44
C GLU A 334 34.74 29.92 -21.41
N ASN A 335 35.17 29.46 -20.23
CA ASN A 335 35.77 28.14 -20.11
C ASN A 335 34.74 27.07 -20.48
N GLY A 336 33.52 27.20 -19.99
CA GLY A 336 32.49 26.23 -20.24
C GLY A 336 31.86 25.70 -18.97
N LYS A 337 32.01 26.44 -17.88
CA LYS A 337 31.44 26.06 -16.59
C LYS A 337 30.12 26.80 -16.38
N MET A 338 29.09 26.04 -16.04
CA MET A 338 27.77 26.63 -15.79
C MET A 338 27.77 27.33 -14.44
N VAL A 339 27.24 28.55 -14.41
CA VAL A 339 27.11 29.34 -13.19
C VAL A 339 25.65 29.73 -13.05
N MET A 340 25.08 29.46 -11.88
CA MET A 340 23.66 29.69 -11.62
C MET A 340 23.52 30.87 -10.67
N VAL A 341 22.65 31.81 -11.03
CA VAL A 341 22.45 33.05 -10.27
C VAL A 341 20.97 33.20 -9.96
N SER A 342 20.68 33.53 -8.70
CA SER A 342 19.31 33.71 -8.23
C SER A 342 19.13 35.11 -7.67
N GLU A 343 18.04 35.77 -8.06
CA GLU A 343 17.71 37.11 -7.59
C GLU A 343 16.22 37.15 -7.29
N PHE A 344 15.71 38.35 -7.03
CA PHE A 344 14.28 38.53 -6.81
C PHE A 344 13.60 38.85 -8.14
N PHE A 345 12.30 39.15 -8.10
CA PHE A 345 11.58 39.49 -9.32
C PHE A 345 10.69 40.70 -9.03
N ASN A 346 11.05 41.85 -9.59
CA ASN A 346 10.28 43.07 -9.48
C ASN A 346 9.86 43.48 -10.89
N GLU A 347 8.66 43.04 -11.29
CA GLU A 347 8.17 43.36 -12.63
C GLU A 347 7.96 44.86 -12.80
N ASP A 348 7.38 45.51 -11.80
CA ASP A 348 7.07 46.94 -11.88
C ASP A 348 8.27 47.75 -11.39
N ASP A 349 9.37 47.62 -12.11
CA ASP A 349 10.59 48.32 -11.75
C ASP A 349 11.45 48.53 -12.99
N PRO A 350 11.24 49.63 -13.74
CA PRO A 350 12.19 50.10 -14.76
C PRO A 350 13.33 49.19 -15.18
N ASP A 351 14.55 49.52 -14.73
CA ASP A 351 15.81 48.94 -15.16
C ASP A 351 15.76 47.45 -15.48
N PHE A 352 15.04 46.68 -14.67
CA PHE A 352 15.00 45.24 -14.81
C PHE A 352 14.36 44.83 -16.15
N ASP A 353 14.33 43.51 -16.38
CA ASP A 353 13.69 42.76 -17.48
C ASP A 353 14.71 42.09 -18.39
N HIS A 354 14.24 41.64 -19.56
CA HIS A 354 14.90 40.58 -20.29
C HIS A 354 16.07 41.11 -21.14
N SER A 355 17.20 40.40 -21.08
CA SER A 355 18.43 40.70 -21.82
C SER A 355 18.99 39.38 -22.38
N LEU A 356 18.11 38.64 -23.06
CA LEU A 356 18.30 37.23 -23.42
C LEU A 356 19.73 36.84 -23.81
N ASP A 357 20.32 37.53 -24.78
CA ASP A 357 21.62 37.13 -25.27
C ASP A 357 22.55 38.32 -25.41
N GLN A 358 23.65 38.30 -24.65
CA GLN A 358 24.71 39.30 -24.73
C GLN A 358 25.91 38.82 -23.91
N LYS A 359 26.94 39.64 -23.83
CA LYS A 359 28.15 39.32 -23.06
C LYS A 359 27.99 39.93 -21.67
N MET A 360 27.83 39.07 -20.67
CA MET A 360 27.56 39.53 -19.31
C MET A 360 28.84 39.53 -18.47
N ALA A 361 28.77 40.21 -17.33
CA ALA A 361 29.82 40.23 -16.33
C ALA A 361 29.25 39.78 -14.99
N ILE A 362 30.07 39.09 -14.21
CA ILE A 362 29.66 38.53 -12.93
C ILE A 362 30.58 39.06 -11.84
N ASN A 363 29.99 39.64 -10.80
CA ASN A 363 30.73 40.16 -9.66
C ASN A 363 30.06 39.70 -8.38
N TRP A 364 30.83 39.75 -7.29
CA TRP A 364 30.29 39.41 -5.97
C TRP A 364 30.85 40.39 -4.95
N VAL A 365 30.06 40.64 -3.89
CA VAL A 365 30.51 41.52 -2.83
C VAL A 365 31.68 40.88 -2.10
N GLU A 366 32.69 41.69 -1.78
CA GLU A 366 33.91 41.17 -1.19
C GLU A 366 33.64 40.60 0.21
N SER A 367 34.46 39.61 0.58
CA SER A 367 34.42 38.95 1.88
C SER A 367 33.12 38.19 2.11
N TRP A 368 32.43 37.76 1.05
CA TRP A 368 31.26 36.90 1.17
C TRP A 368 31.54 35.49 0.69
N GLU A 369 32.81 35.13 0.54
CA GLU A 369 33.19 33.85 -0.01
C GLU A 369 33.36 32.80 1.08
N VAL A 370 33.40 31.53 0.66
CA VAL A 370 33.73 30.41 1.52
C VAL A 370 34.83 29.64 0.82
N VAL A 371 36.02 29.60 1.42
CA VAL A 371 37.21 29.01 0.80
C VAL A 371 37.55 27.73 1.54
N LEU A 372 37.74 26.65 0.77
CA LEU A 372 38.10 25.34 1.31
C LEU A 372 39.38 24.85 0.66
N ALA A 373 40.26 24.25 1.46
CA ALA A 373 41.52 23.73 0.95
C ALA A 373 41.29 22.38 0.27
N ASP A 374 42.31 21.94 -0.46
CA ASP A 374 42.29 20.67 -1.18
C ASP A 374 41.13 20.58 -2.15
N PHE B 7 7.88 -20.61 25.09
CA PHE B 7 6.85 -19.77 24.49
C PHE B 7 7.12 -19.56 23.00
N GLN B 8 8.24 -18.91 22.69
CA GLN B 8 8.56 -18.62 21.30
C GLN B 8 8.79 -19.89 20.49
N ASN B 9 9.50 -20.86 21.07
CA ASN B 9 9.82 -22.09 20.38
C ASN B 9 8.95 -23.27 20.78
N VAL B 10 8.22 -23.17 21.90
CA VAL B 10 7.43 -24.30 22.37
C VAL B 10 6.31 -24.64 21.37
N VAL B 11 5.61 -23.62 20.89
CA VAL B 11 4.52 -23.85 19.95
C VAL B 11 5.06 -24.38 18.63
N ILE B 12 6.20 -23.86 18.17
CA ILE B 12 6.79 -24.35 16.93
C ILE B 12 7.19 -25.81 17.08
N VAL B 13 7.79 -26.17 18.21
CA VAL B 13 8.17 -27.56 18.45
C VAL B 13 6.94 -28.44 18.48
N THR B 14 5.87 -27.99 19.13
CA THR B 14 4.65 -28.79 19.23
C THR B 14 4.04 -29.04 17.84
N ILE B 15 3.92 -27.98 17.04
CA ILE B 15 3.30 -28.14 15.72
C ILE B 15 4.18 -28.98 14.80
N VAL B 16 5.50 -28.80 14.88
CA VAL B 16 6.40 -29.59 14.04
C VAL B 16 6.34 -31.06 14.44
N GLY B 17 6.32 -31.35 15.74
CA GLY B 17 6.22 -32.73 16.18
C GLY B 17 4.90 -33.36 15.77
N TRP B 18 3.80 -32.62 15.90
CA TRP B 18 2.50 -33.14 15.47
C TRP B 18 2.50 -33.45 13.98
N LEU B 19 3.00 -32.52 13.17
CA LEU B 19 3.00 -32.73 11.73
C LEU B 19 3.90 -33.89 11.34
N VAL B 20 5.07 -34.01 11.95
CA VAL B 20 5.97 -35.11 11.64
C VAL B 20 5.35 -36.44 12.03
N LEU B 21 4.73 -36.51 13.22
CA LEU B 21 4.15 -37.77 13.67
C LEU B 21 2.97 -38.19 12.81
N PHE B 22 2.14 -37.25 12.40
CA PHE B 22 0.85 -37.59 11.78
C PHE B 22 0.82 -37.42 10.26
N VAL B 23 1.88 -36.91 9.64
CA VAL B 23 1.83 -36.67 8.20
C VAL B 23 2.95 -37.38 7.46
N PHE B 24 4.20 -37.00 7.72
CA PHE B 24 5.33 -37.45 6.92
C PHE B 24 5.91 -38.78 7.37
N LEU B 25 5.93 -39.07 8.66
CA LEU B 25 6.36 -40.39 9.10
C LEU B 25 5.46 -41.49 8.54
N PRO B 26 4.14 -41.42 8.64
CA PRO B 26 3.31 -42.43 7.98
C PRO B 26 3.45 -42.44 6.46
N ASN B 27 3.68 -41.28 5.84
CA ASN B 27 3.86 -41.25 4.39
C ASN B 27 5.11 -42.01 3.98
N LEU B 28 6.22 -41.81 4.71
CA LEU B 28 7.43 -42.57 4.42
C LEU B 28 7.26 -44.03 4.77
N MET B 29 6.45 -44.34 5.80
CA MET B 29 6.18 -45.75 6.11
C MET B 29 5.45 -46.43 4.96
N ILE B 30 4.45 -45.76 4.38
CA ILE B 30 3.71 -46.32 3.25
C ILE B 30 4.52 -46.38 1.98
N ILE B 31 5.33 -45.36 1.70
CA ILE B 31 6.16 -45.36 0.50
C ILE B 31 7.16 -46.52 0.49
N GLY B 32 7.48 -47.08 1.66
CA GLY B 32 8.30 -48.27 1.71
C GLY B 32 7.54 -49.57 1.75
N THR B 33 6.24 -49.52 2.01
CA THR B 33 5.41 -50.72 2.07
C THR B 33 5.23 -51.38 0.70
N SER B 34 5.34 -50.61 -0.38
CA SER B 34 5.27 -51.20 -1.71
C SER B 34 6.44 -52.15 -1.97
N PHE B 35 7.61 -51.84 -1.42
CA PHE B 35 8.80 -52.68 -1.59
C PHE B 35 8.86 -53.72 -0.47
N LEU B 36 7.75 -54.42 -0.28
CA LEU B 36 7.64 -55.46 0.73
C LEU B 36 7.14 -56.72 0.04
N THR B 37 6.79 -57.73 0.85
CA THR B 37 6.29 -58.99 0.33
C THR B 37 5.00 -59.33 1.08
N ARG B 38 3.98 -59.78 0.35
CA ARG B 38 2.70 -60.12 0.95
C ARG B 38 2.87 -61.20 2.01
N ASP B 39 2.27 -60.97 3.17
CA ASP B 39 2.27 -61.92 4.27
C ASP B 39 0.88 -61.96 4.90
N ASP B 40 0.44 -63.15 5.28
CA ASP B 40 -0.88 -63.31 5.87
C ASP B 40 -0.89 -63.20 7.39
N ALA B 41 0.28 -63.11 8.02
CA ALA B 41 0.37 -63.02 9.47
C ALA B 41 0.46 -61.58 9.96
N SER B 42 1.50 -60.86 9.54
CA SER B 42 1.71 -59.48 9.97
C SER B 42 1.57 -58.49 8.84
N PHE B 43 1.05 -58.92 7.69
CA PHE B 43 0.77 -58.08 6.52
C PHE B 43 2.05 -57.63 5.81
N VAL B 44 3.22 -57.95 6.37
CA VAL B 44 4.48 -57.52 5.79
C VAL B 44 5.54 -58.58 6.09
N LYS B 45 6.40 -58.83 5.09
CA LYS B 45 7.58 -59.66 5.27
C LYS B 45 8.76 -58.93 4.65
N MET B 46 9.85 -58.80 5.41
CA MET B 46 10.97 -57.94 5.02
C MET B 46 11.76 -58.58 3.88
N VAL B 47 11.16 -58.55 2.70
CA VAL B 47 11.79 -58.99 1.47
C VAL B 47 11.60 -57.90 0.43
N PHE B 48 12.70 -57.42 -0.16
CA PHE B 48 12.66 -56.34 -1.13
C PHE B 48 12.37 -56.93 -2.51
N THR B 49 11.11 -56.86 -2.94
CA THR B 49 10.70 -57.34 -4.24
C THR B 49 9.95 -56.24 -4.98
N LEU B 50 10.04 -56.28 -6.31
CA LEU B 50 9.36 -55.34 -7.18
C LEU B 50 8.17 -55.96 -7.90
N ASP B 51 7.65 -57.08 -7.39
CA ASP B 51 6.53 -57.75 -8.03
C ASP B 51 5.24 -56.93 -7.93
N ASN B 52 5.13 -56.06 -6.92
CA ASN B 52 3.93 -55.26 -6.76
C ASN B 52 3.74 -54.28 -7.91
N TYR B 53 4.82 -53.63 -8.34
CA TYR B 53 4.69 -52.60 -9.37
C TYR B 53 4.39 -53.21 -10.74
N THR B 54 5.07 -54.30 -11.10
CA THR B 54 4.85 -54.89 -12.42
C THR B 54 3.45 -55.48 -12.57
N ARG B 55 2.76 -55.72 -11.45
CA ARG B 55 1.36 -56.17 -11.54
C ARG B 55 0.44 -55.10 -12.07
N LEU B 56 0.83 -53.82 -11.95
CA LEU B 56 -0.02 -52.73 -12.43
C LEU B 56 0.01 -52.62 -13.94
N LEU B 57 0.96 -53.26 -14.61
CA LEU B 57 1.07 -53.16 -16.06
C LEU B 57 0.11 -54.07 -16.81
N ASP B 58 -0.61 -54.94 -16.10
CA ASP B 58 -1.62 -55.76 -16.74
C ASP B 58 -2.75 -54.86 -17.27
N PRO B 59 -3.32 -55.17 -18.43
CA PRO B 59 -4.39 -54.31 -18.95
C PRO B 59 -5.59 -54.19 -18.01
N LEU B 60 -5.89 -55.25 -17.25
CA LEU B 60 -7.03 -55.20 -16.33
C LEU B 60 -6.81 -54.15 -15.26
N TYR B 61 -5.60 -54.03 -14.73
CA TYR B 61 -5.29 -53.06 -13.70
C TYR B 61 -4.79 -51.72 -14.27
N PHE B 62 -4.77 -51.58 -15.59
CA PHE B 62 -4.37 -50.33 -16.23
C PHE B 62 -5.53 -49.59 -16.85
N GLU B 63 -6.54 -50.30 -17.35
CA GLU B 63 -7.67 -49.65 -18.00
C GLU B 63 -8.46 -48.77 -17.04
N VAL B 64 -8.54 -49.16 -15.77
CA VAL B 64 -9.31 -48.39 -14.79
C VAL B 64 -8.62 -47.06 -14.50
N LEU B 65 -7.29 -47.06 -14.43
CA LEU B 65 -6.56 -45.85 -14.10
C LEU B 65 -6.79 -44.76 -15.14
N LEU B 66 -6.77 -45.13 -16.42
CA LEU B 66 -6.98 -44.14 -17.47
C LEU B 66 -8.40 -43.58 -17.41
N HIS B 67 -9.39 -44.43 -17.13
CA HIS B 67 -10.76 -43.96 -17.02
C HIS B 67 -10.91 -42.99 -15.86
N SER B 68 -10.29 -43.30 -14.72
CA SER B 68 -10.34 -42.39 -13.57
C SER B 68 -9.66 -41.07 -13.90
N LEU B 69 -8.51 -41.12 -14.58
CA LEU B 69 -7.82 -39.89 -14.96
C LEU B 69 -8.67 -39.04 -15.88
N ASN B 70 -9.32 -39.67 -16.86
CA ASN B 70 -10.18 -38.91 -17.78
C ASN B 70 -11.34 -38.28 -17.04
N MET B 71 -11.99 -39.03 -16.15
CA MET B 71 -13.11 -38.48 -15.39
C MET B 71 -12.65 -37.29 -14.54
N ALA B 72 -11.50 -37.42 -13.87
CA ALA B 72 -10.99 -36.33 -13.05
C ALA B 72 -10.66 -35.11 -13.90
N LEU B 73 -10.07 -35.32 -15.08
CA LEU B 73 -9.74 -34.19 -15.94
C LEU B 73 -10.99 -33.46 -16.39
N ILE B 74 -12.03 -34.20 -16.80
CA ILE B 74 -13.26 -33.55 -17.23
C ILE B 74 -13.91 -32.81 -16.08
N ALA B 75 -13.92 -33.40 -14.89
CA ALA B 75 -14.52 -32.72 -13.74
C ALA B 75 -13.76 -31.45 -13.40
N THR B 76 -12.42 -31.49 -13.42
CA THR B 76 -11.63 -30.31 -13.13
C THR B 76 -11.86 -29.20 -14.16
N LEU B 77 -11.91 -29.57 -15.44
CA LEU B 77 -12.15 -28.56 -16.47
C LEU B 77 -13.54 -27.95 -16.34
N ALA B 78 -14.55 -28.76 -16.04
CA ALA B 78 -15.89 -28.23 -15.83
C ALA B 78 -15.94 -27.30 -14.64
N CYS B 79 -15.24 -27.66 -13.55
CA CYS B 79 -15.20 -26.80 -12.39
C CYS B 79 -14.54 -25.46 -12.72
N LEU B 80 -13.43 -25.50 -13.47
CA LEU B 80 -12.77 -24.26 -13.87
C LEU B 80 -13.70 -23.38 -14.70
N VAL B 81 -14.36 -23.97 -15.71
CA VAL B 81 -15.19 -23.19 -16.62
C VAL B 81 -16.39 -22.61 -15.87
N LEU B 82 -16.97 -23.36 -14.94
CA LEU B 82 -18.11 -22.86 -14.20
C LEU B 82 -17.74 -21.98 -13.02
N GLY B 83 -16.48 -21.97 -12.60
CA GLY B 83 -16.10 -21.21 -11.43
C GLY B 83 -15.39 -19.90 -11.71
N TYR B 84 -14.62 -19.82 -12.79
CA TYR B 84 -13.93 -18.57 -13.09
C TYR B 84 -14.90 -17.41 -13.33
N PRO B 85 -15.96 -17.55 -14.14
CA PRO B 85 -16.93 -16.44 -14.23
C PRO B 85 -17.60 -16.10 -12.92
N PHE B 86 -17.86 -17.11 -12.08
CA PHE B 86 -18.52 -16.85 -10.80
C PHE B 86 -17.67 -15.99 -9.89
N ALA B 87 -16.37 -16.27 -9.83
CA ALA B 87 -15.47 -15.46 -9.01
C ALA B 87 -15.31 -14.06 -9.58
N TRP B 88 -15.21 -13.96 -10.91
CA TRP B 88 -15.03 -12.65 -11.55
C TRP B 88 -16.25 -11.76 -11.32
N PHE B 89 -17.45 -12.32 -11.44
CA PHE B 89 -18.67 -11.54 -11.26
C PHE B 89 -18.92 -11.20 -9.80
N LEU B 90 -18.43 -12.02 -8.87
CA LEU B 90 -18.65 -11.74 -7.45
C LEU B 90 -17.84 -10.53 -7.00
N ALA B 91 -16.64 -10.34 -7.56
CA ALA B 91 -15.81 -9.21 -7.18
C ALA B 91 -16.36 -7.88 -7.67
N LYS B 92 -17.29 -7.90 -8.64
CA LYS B 92 -17.88 -6.68 -9.18
C LYS B 92 -19.20 -6.34 -8.52
N LEU B 93 -19.35 -6.67 -7.23
CA LEU B 93 -20.57 -6.49 -6.49
C LEU B 93 -20.29 -5.60 -5.27
N PRO B 94 -21.33 -4.96 -4.71
CA PRO B 94 -21.12 -4.13 -3.52
C PRO B 94 -20.49 -4.95 -2.39
N HIS B 95 -19.58 -4.29 -1.66
CA HIS B 95 -18.80 -4.96 -0.63
C HIS B 95 -19.62 -5.36 0.59
N LYS B 96 -20.86 -4.89 0.69
CA LYS B 96 -21.70 -5.21 1.84
C LYS B 96 -22.43 -6.54 1.70
N VAL B 97 -22.31 -7.22 0.56
CA VAL B 97 -23.08 -8.42 0.31
C VAL B 97 -22.15 -9.58 -0.03
N ARG B 98 -20.86 -9.29 -0.20
CA ARG B 98 -19.91 -10.34 -0.56
C ARG B 98 -19.80 -11.44 0.48
N PRO B 99 -19.61 -11.17 1.78
CA PRO B 99 -19.52 -12.28 2.74
C PRO B 99 -20.78 -13.13 2.82
N LEU B 100 -21.96 -12.53 2.63
CA LEU B 100 -23.20 -13.31 2.69
C LEU B 100 -23.27 -14.33 1.56
N LEU B 101 -22.95 -13.89 0.35
CA LEU B 101 -22.94 -14.83 -0.78
C LEU B 101 -21.81 -15.84 -0.67
N LEU B 102 -20.67 -15.43 -0.12
CA LEU B 102 -19.55 -16.36 0.03
C LEU B 102 -19.79 -17.34 1.17
N PHE B 103 -20.77 -17.08 2.05
CA PHE B 103 -21.07 -18.00 3.14
C PHE B 103 -22.13 -19.01 2.73
N LEU B 104 -23.03 -18.63 1.82
CA LEU B 104 -24.07 -19.54 1.35
C LEU B 104 -23.51 -20.69 0.53
N LEU B 105 -22.26 -20.60 0.08
CA LEU B 105 -21.62 -21.70 -0.63
C LEU B 105 -21.23 -22.83 0.31
N ILE B 106 -21.25 -22.61 1.62
CA ILE B 106 -20.83 -23.61 2.59
C ILE B 106 -21.98 -24.27 3.33
N VAL B 107 -23.13 -23.60 3.44
CA VAL B 107 -24.30 -24.10 4.18
C VAL B 107 -24.69 -25.52 3.75
N PRO B 108 -24.72 -25.84 2.44
CA PRO B 108 -25.08 -27.23 2.08
C PRO B 108 -24.11 -28.27 2.61
N PHE B 109 -22.88 -27.90 2.95
CA PHE B 109 -21.90 -28.87 3.43
C PHE B 109 -22.28 -29.45 4.80
N TRP B 110 -23.18 -28.81 5.52
CA TRP B 110 -23.57 -29.29 6.85
C TRP B 110 -24.27 -30.64 6.78
N THR B 111 -25.06 -30.89 5.74
CA THR B 111 -25.60 -32.22 5.48
C THR B 111 -24.50 -33.10 4.89
N ASN B 112 -24.48 -34.36 5.29
CA ASN B 112 -23.42 -35.27 4.87
C ASN B 112 -23.44 -35.45 3.36
N SER B 113 -22.26 -35.69 2.79
CA SER B 113 -22.12 -35.79 1.34
C SER B 113 -22.87 -36.99 0.77
N LEU B 114 -22.90 -38.10 1.50
CA LEU B 114 -23.58 -39.29 1.01
C LEU B 114 -25.08 -39.06 0.83
N ILE B 115 -25.72 -38.37 1.79
CA ILE B 115 -27.14 -38.05 1.66
C ILE B 115 -27.39 -37.15 0.46
N ARG B 116 -26.51 -36.16 0.24
CA ARG B 116 -26.68 -35.27 -0.91
C ARG B 116 -26.52 -36.03 -2.22
N ILE B 117 -25.56 -36.96 -2.28
CA ILE B 117 -25.38 -37.77 -3.48
C ILE B 117 -26.61 -38.64 -3.73
N TYR B 118 -27.17 -39.21 -2.67
CA TYR B 118 -28.39 -40.01 -2.81
C TYR B 118 -29.55 -39.15 -3.31
N GLY B 119 -29.68 -37.93 -2.78
CA GLY B 119 -30.73 -37.04 -3.25
C GLY B 119 -30.56 -36.66 -4.71
N LEU B 120 -29.32 -36.40 -5.13
CA LEU B 120 -29.06 -36.11 -6.54
C LEU B 120 -29.39 -37.31 -7.41
N LYS B 121 -29.07 -38.51 -6.94
CA LYS B 121 -29.40 -39.72 -7.68
C LYS B 121 -30.91 -39.85 -7.87
N ILE B 122 -31.66 -39.56 -6.82
CA ILE B 122 -33.13 -39.58 -6.95
C ILE B 122 -33.60 -38.51 -7.91
N PHE B 123 -33.00 -37.32 -7.86
CA PHE B 123 -33.46 -36.20 -8.67
C PHE B 123 -33.20 -36.41 -10.15
N LEU B 124 -32.21 -37.22 -10.51
CA LEU B 124 -31.84 -37.45 -11.90
C LEU B 124 -32.35 -38.78 -12.44
N SER B 125 -33.24 -39.45 -11.71
CA SER B 125 -33.69 -40.78 -12.11
C SER B 125 -34.52 -40.71 -13.40
N THR B 126 -34.65 -41.86 -14.05
CA THR B 126 -35.35 -41.92 -15.33
C THR B 126 -36.81 -41.54 -15.18
N LYS B 127 -37.49 -42.09 -14.17
CA LYS B 127 -38.89 -41.81 -13.93
C LYS B 127 -39.11 -40.68 -12.95
N GLY B 128 -38.05 -40.09 -12.41
CA GLY B 128 -38.16 -39.06 -11.40
C GLY B 128 -38.26 -37.66 -11.99
N TYR B 129 -37.95 -36.67 -11.16
CA TYR B 129 -38.03 -35.29 -11.56
C TYR B 129 -36.92 -34.96 -12.57
N LEU B 130 -37.01 -33.77 -13.14
CA LEU B 130 -36.16 -33.25 -14.22
C LEU B 130 -36.41 -33.99 -15.53
N ASN B 131 -37.24 -35.03 -15.52
CA ASN B 131 -37.73 -35.67 -16.74
C ASN B 131 -39.23 -35.51 -16.88
N GLU B 132 -40.00 -35.68 -15.81
CA GLU B 132 -41.42 -35.36 -15.85
C GLU B 132 -41.63 -33.87 -16.05
N PHE B 133 -40.84 -33.04 -15.39
CA PHE B 133 -40.95 -31.59 -15.57
C PHE B 133 -40.55 -31.18 -16.99
N LEU B 134 -39.47 -31.76 -17.51
CA LEU B 134 -39.02 -31.44 -18.86
C LEU B 134 -39.89 -32.06 -19.93
N LEU B 135 -40.78 -32.98 -19.56
CA LEU B 135 -41.72 -33.57 -20.51
C LEU B 135 -43.07 -32.89 -20.49
N TRP B 136 -43.53 -32.45 -19.31
CA TRP B 136 -44.81 -31.75 -19.22
C TRP B 136 -44.76 -30.44 -20.00
N LEU B 137 -43.68 -29.67 -19.84
CA LEU B 137 -43.39 -28.54 -20.72
C LEU B 137 -42.50 -29.09 -21.82
N GLY B 138 -43.07 -29.25 -23.02
CA GLY B 138 -42.41 -30.01 -24.07
C GLY B 138 -41.08 -29.46 -24.53
N VAL B 139 -40.00 -30.11 -24.09
CA VAL B 139 -38.67 -29.84 -24.64
C VAL B 139 -37.97 -31.08 -25.14
N ILE B 140 -38.22 -32.26 -24.57
CA ILE B 140 -37.56 -33.50 -24.94
C ILE B 140 -38.63 -34.57 -25.14
N ASP B 141 -38.43 -35.40 -26.17
CA ASP B 141 -39.41 -36.41 -26.55
C ASP B 141 -39.41 -37.64 -25.63
N THR B 142 -38.26 -38.06 -25.13
CA THR B 142 -38.15 -39.30 -24.38
C THR B 142 -37.40 -39.07 -23.08
N PRO B 143 -37.67 -39.89 -22.06
CA PRO B 143 -36.93 -39.76 -20.79
C PRO B 143 -35.43 -39.89 -21.02
N ILE B 144 -34.66 -39.08 -20.31
CA ILE B 144 -33.21 -39.05 -20.43
C ILE B 144 -32.61 -40.06 -19.46
N ARG B 145 -31.79 -40.96 -19.99
CA ARG B 145 -31.12 -41.98 -19.18
C ARG B 145 -29.68 -41.56 -18.97
N ILE B 146 -29.34 -41.20 -17.73
CA ILE B 146 -28.01 -40.72 -17.40
C ILE B 146 -27.33 -41.52 -16.31
N MET B 147 -28.05 -42.36 -15.57
CA MET B 147 -27.43 -43.14 -14.52
C MET B 147 -26.53 -44.23 -15.09
N PHE B 148 -25.54 -44.63 -14.29
CA PHE B 148 -24.59 -45.68 -14.65
C PHE B 148 -23.86 -45.35 -15.95
N THR B 149 -23.51 -44.08 -16.11
CA THR B 149 -22.72 -43.59 -17.22
C THR B 149 -21.71 -42.59 -16.68
N PRO B 150 -20.61 -42.36 -17.40
CA PRO B 150 -19.61 -41.39 -16.91
C PRO B 150 -20.16 -40.00 -16.68
N SER B 151 -21.22 -39.61 -17.41
CA SER B 151 -21.80 -38.29 -17.22
C SER B 151 -22.31 -38.11 -15.80
N ALA B 152 -22.96 -39.14 -15.24
CA ALA B 152 -23.45 -39.04 -13.87
C ALA B 152 -22.31 -38.87 -12.87
N VAL B 153 -21.23 -39.62 -13.05
CA VAL B 153 -20.08 -39.50 -12.15
C VAL B 153 -19.48 -38.10 -12.23
N ILE B 154 -19.34 -37.57 -13.44
CA ILE B 154 -18.77 -36.23 -13.59
C ILE B 154 -19.68 -35.19 -12.97
N ILE B 155 -20.99 -35.33 -13.15
CA ILE B 155 -21.94 -34.38 -12.57
C ILE B 155 -21.85 -34.42 -11.04
N GLY B 156 -21.79 -35.61 -10.47
CA GLY B 156 -21.69 -35.72 -9.02
C GLY B 156 -20.40 -35.13 -8.48
N LEU B 157 -19.27 -35.40 -9.16
CA LEU B 157 -18.00 -34.84 -8.72
C LEU B 157 -18.00 -33.33 -8.80
N VAL B 158 -18.54 -32.77 -9.88
CA VAL B 158 -18.61 -31.33 -10.03
C VAL B 158 -19.49 -30.72 -8.94
N TYR B 159 -20.63 -31.36 -8.66
CA TYR B 159 -21.53 -30.85 -7.63
C TYR B 159 -20.87 -30.87 -6.25
N ILE B 160 -20.15 -31.94 -5.93
CA ILE B 160 -19.56 -32.07 -4.61
C ILE B 160 -18.39 -31.09 -4.44
N LEU B 161 -17.51 -31.01 -5.44
CA LEU B 161 -16.24 -30.32 -5.30
C LEU B 161 -16.21 -28.93 -5.92
N LEU B 162 -17.37 -28.38 -6.29
CA LEU B 162 -17.38 -27.03 -6.87
C LEU B 162 -16.92 -25.95 -5.91
N PRO B 163 -17.41 -25.87 -4.66
CA PRO B 163 -17.00 -24.75 -3.80
C PRO B 163 -15.51 -24.73 -3.46
N PHE B 164 -14.80 -25.84 -3.60
CA PHE B 164 -13.39 -25.88 -3.23
C PHE B 164 -12.50 -25.15 -4.23
N MET B 165 -13.01 -24.78 -5.40
CA MET B 165 -12.21 -24.10 -6.41
C MET B 165 -12.53 -22.62 -6.52
N VAL B 166 -13.75 -22.22 -6.15
CA VAL B 166 -14.18 -20.83 -6.30
C VAL B 166 -13.39 -19.92 -5.36
N MET B 167 -13.11 -20.38 -4.14
CA MET B 167 -12.48 -19.52 -3.15
C MET B 167 -11.06 -19.10 -3.53
N PRO B 168 -10.16 -20.00 -3.94
CA PRO B 168 -8.83 -19.53 -4.38
C PRO B 168 -8.89 -18.56 -5.55
N LEU B 169 -9.78 -18.81 -6.51
CA LEU B 169 -9.92 -17.90 -7.64
C LEU B 169 -10.42 -16.53 -7.19
N TYR B 170 -11.37 -16.50 -6.26
CA TYR B 170 -11.85 -15.23 -5.73
C TYR B 170 -10.76 -14.49 -4.99
N SER B 171 -9.94 -15.21 -4.21
CA SER B 171 -8.83 -14.58 -3.51
C SER B 171 -7.82 -13.99 -4.49
N SER B 172 -7.52 -14.72 -5.56
CA SER B 172 -6.58 -14.19 -6.55
C SER B 172 -7.15 -12.99 -7.30
N ILE B 173 -8.44 -13.03 -7.62
CA ILE B 173 -9.05 -11.94 -8.38
C ILE B 173 -9.17 -10.68 -7.53
N GLU B 174 -9.60 -10.81 -6.28
CA GLU B 174 -9.80 -9.65 -5.42
C GLU B 174 -8.49 -8.94 -5.10
N LYS B 175 -7.36 -9.61 -5.24
CA LYS B 175 -6.06 -9.02 -4.95
C LYS B 175 -5.44 -8.32 -6.16
N LEU B 176 -6.14 -8.29 -7.29
CA LEU B 176 -5.61 -7.66 -8.50
C LEU B 176 -5.55 -6.15 -8.32
N ASP B 177 -4.67 -5.52 -9.11
CA ASP B 177 -4.52 -4.07 -9.10
C ASP B 177 -5.40 -3.45 -10.17
N LYS B 178 -6.32 -2.58 -9.76
CA LYS B 178 -7.20 -1.93 -10.72
C LYS B 178 -6.48 -1.09 -11.77
N PRO B 179 -5.48 -0.26 -11.43
CA PRO B 179 -4.83 0.55 -12.48
C PRO B 179 -4.15 -0.27 -13.56
N LEU B 180 -3.79 -1.52 -13.29
CA LEU B 180 -3.21 -2.36 -14.33
C LEU B 180 -4.20 -2.61 -15.46
N LEU B 181 -5.46 -2.85 -15.13
CA LEU B 181 -6.48 -3.05 -16.16
C LEU B 181 -6.78 -1.76 -16.90
N GLU B 182 -6.81 -0.63 -16.20
CA GLU B 182 -7.08 0.65 -16.83
C GLU B 182 -6.00 1.01 -17.86
N ALA B 183 -4.74 0.73 -17.54
CA ALA B 183 -3.66 0.98 -18.49
C ALA B 183 -3.83 0.12 -19.75
N ALA B 184 -4.22 -1.13 -19.58
CA ALA B 184 -4.47 -2.00 -20.72
C ALA B 184 -5.61 -1.46 -21.58
N ARG B 185 -6.69 -1.02 -20.94
CA ARG B 185 -7.81 -0.46 -21.69
C ARG B 185 -7.40 0.80 -22.45
N ASP B 186 -6.60 1.65 -21.81
CA ASP B 186 -6.18 2.90 -22.46
C ASP B 186 -5.24 2.63 -23.63
N LEU B 187 -4.35 1.65 -23.49
CA LEU B 187 -3.39 1.36 -24.55
C LEU B 187 -4.02 0.74 -25.79
N GLY B 188 -5.29 0.37 -25.74
CA GLY B 188 -5.96 -0.16 -26.91
C GLY B 188 -6.25 -1.65 -26.86
N ALA B 189 -6.59 -2.15 -25.69
CA ALA B 189 -6.88 -3.57 -25.48
C ALA B 189 -8.36 -3.75 -25.21
N SER B 190 -8.98 -4.69 -25.92
CA SER B 190 -10.36 -5.06 -25.65
C SER B 190 -10.39 -6.01 -24.45
N LYS B 191 -11.58 -6.54 -24.15
CA LYS B 191 -11.68 -7.49 -23.03
C LYS B 191 -10.92 -8.77 -23.31
N LEU B 192 -10.96 -9.24 -24.55
CA LEU B 192 -10.39 -10.56 -24.87
C LEU B 192 -8.87 -10.54 -24.75
N GLN B 193 -8.22 -9.55 -25.37
CA GLN B 193 -6.76 -9.48 -25.33
C GLN B 193 -6.27 -9.25 -23.91
N THR B 194 -6.94 -8.37 -23.17
CA THR B 194 -6.58 -8.15 -21.77
C THR B 194 -6.68 -9.45 -20.98
N PHE B 195 -7.82 -10.15 -21.12
CA PHE B 195 -8.02 -11.38 -20.37
C PHE B 195 -6.96 -12.43 -20.71
N ILE B 196 -6.59 -12.51 -21.98
CA ILE B 196 -5.59 -13.52 -22.38
C ILE B 196 -4.22 -13.16 -21.84
N ARG B 197 -3.78 -11.90 -21.99
CA ARG B 197 -2.37 -11.59 -21.85
C ARG B 197 -1.99 -10.84 -20.58
N ILE B 198 -2.95 -10.43 -19.74
CA ILE B 198 -2.65 -9.74 -18.50
C ILE B 198 -3.33 -10.41 -17.30
N ILE B 199 -4.65 -10.61 -17.38
CA ILE B 199 -5.39 -11.12 -16.23
C ILE B 199 -5.02 -12.57 -15.93
N ILE B 200 -5.02 -13.41 -16.95
CA ILE B 200 -4.80 -14.85 -16.77
C ILE B 200 -3.39 -15.13 -16.25
N PRO B 201 -2.32 -14.53 -16.81
CA PRO B 201 -0.99 -14.79 -16.25
C PRO B 201 -0.88 -14.43 -14.77
N LEU B 202 -1.56 -13.37 -14.33
CA LEU B 202 -1.43 -12.93 -12.94
C LEU B 202 -2.21 -13.82 -11.98
N THR B 203 -3.16 -14.60 -12.49
CA THR B 203 -3.99 -15.46 -11.65
C THR B 203 -3.65 -16.95 -11.82
N MET B 204 -2.47 -17.27 -12.36
CA MET B 204 -2.09 -18.67 -12.52
C MET B 204 -1.98 -19.42 -11.19
N PRO B 205 -1.38 -18.89 -10.12
CA PRO B 205 -1.36 -19.65 -8.85
C PRO B 205 -2.73 -20.03 -8.34
N GLY B 206 -3.73 -19.16 -8.49
CA GLY B 206 -5.07 -19.52 -8.09
C GLY B 206 -5.63 -20.68 -8.88
N ILE B 207 -5.39 -20.68 -10.20
CA ILE B 207 -5.86 -21.77 -11.05
C ILE B 207 -5.19 -23.08 -10.65
N ILE B 208 -3.88 -23.04 -10.40
CA ILE B 208 -3.16 -24.26 -10.02
C ILE B 208 -3.65 -24.77 -8.68
N ALA B 209 -3.86 -23.87 -7.71
CA ALA B 209 -4.36 -24.29 -6.40
C ALA B 209 -5.74 -24.91 -6.51
N GLY B 210 -6.63 -24.30 -7.30
CA GLY B 210 -7.95 -24.87 -7.49
C GLY B 210 -7.91 -26.23 -8.16
N CYS B 211 -7.06 -26.38 -9.17
CA CYS B 211 -6.92 -27.66 -9.85
C CYS B 211 -6.40 -28.72 -8.88
N LEU B 212 -5.44 -28.36 -8.04
CA LEU B 212 -4.94 -29.31 -7.03
C LEU B 212 -6.05 -29.71 -6.06
N LEU B 213 -6.87 -28.74 -5.64
CA LEU B 213 -7.92 -29.04 -4.67
C LEU B 213 -9.07 -29.82 -5.29
N VAL B 214 -9.25 -29.79 -6.61
CA VAL B 214 -10.37 -30.48 -7.23
C VAL B 214 -9.98 -31.84 -7.77
N MET B 215 -8.80 -31.94 -8.38
CA MET B 215 -8.42 -33.16 -9.10
C MET B 215 -8.13 -34.31 -8.15
N LEU B 216 -7.20 -34.13 -7.22
CA LEU B 216 -6.75 -35.23 -6.37
C LEU B 216 -7.88 -35.82 -5.52
N PRO B 217 -8.72 -35.04 -4.85
CA PRO B 217 -9.86 -35.66 -4.15
C PRO B 217 -10.82 -36.39 -5.07
N ALA B 218 -10.92 -35.97 -6.33
CA ALA B 218 -11.92 -36.53 -7.23
C ALA B 218 -11.62 -37.99 -7.60
N MET B 219 -10.38 -38.45 -7.41
CA MET B 219 -10.03 -39.83 -7.69
C MET B 219 -9.92 -40.67 -6.43
N GLY B 220 -10.43 -40.17 -5.31
CA GLY B 220 -10.49 -40.95 -4.09
C GLY B 220 -11.91 -41.12 -3.59
N LEU B 221 -12.85 -40.44 -4.25
CA LEU B 221 -14.26 -40.51 -3.89
C LEU B 221 -14.85 -41.79 -4.47
N PHE B 222 -14.99 -42.81 -3.63
CA PHE B 222 -15.49 -44.10 -4.08
C PHE B 222 -17.01 -44.20 -4.05
N TYR B 223 -17.67 -43.47 -3.14
CA TYR B 223 -19.11 -43.61 -3.01
C TYR B 223 -19.84 -43.03 -4.21
N VAL B 224 -19.28 -42.01 -4.86
CA VAL B 224 -19.91 -41.45 -6.05
C VAL B 224 -19.99 -42.50 -7.16
N SER B 225 -18.89 -43.20 -7.40
CA SER B 225 -18.88 -44.24 -8.42
C SER B 225 -19.71 -45.45 -7.98
N ASP B 226 -19.72 -45.75 -6.68
CA ASP B 226 -20.51 -46.89 -6.21
C ASP B 226 -22.00 -46.64 -6.37
N LEU B 227 -22.44 -45.40 -6.16
CA LEU B 227 -23.87 -45.09 -6.19
C LEU B 227 -24.38 -44.69 -7.57
N MET B 228 -23.57 -43.96 -8.35
CA MET B 228 -24.03 -43.45 -9.63
C MET B 228 -23.18 -43.90 -10.81
N GLY B 229 -22.15 -44.71 -10.60
CA GLY B 229 -21.29 -45.13 -11.69
C GLY B 229 -21.53 -46.54 -12.16
N GLY B 230 -21.72 -47.47 -11.23
CA GLY B 230 -21.92 -48.86 -11.56
C GLY B 230 -20.66 -49.68 -11.39
N ALA B 231 -20.67 -50.86 -12.01
CA ALA B 231 -19.55 -51.80 -11.92
C ALA B 231 -18.53 -51.63 -13.03
N LYS B 232 -18.85 -50.85 -14.08
CA LYS B 232 -17.88 -50.62 -15.14
C LYS B 232 -17.10 -49.33 -14.95
N ASN B 233 -17.64 -48.39 -14.18
CA ASN B 233 -17.03 -47.08 -13.96
C ASN B 233 -16.45 -47.06 -12.54
N LEU B 234 -15.16 -47.35 -12.44
CA LEU B 234 -14.49 -47.44 -11.15
C LEU B 234 -13.33 -46.45 -11.09
N LEU B 235 -13.11 -45.92 -9.90
CA LEU B 235 -12.02 -45.00 -9.61
C LEU B 235 -10.93 -45.71 -8.81
N ILE B 236 -9.87 -44.99 -8.50
CA ILE B 236 -8.76 -45.55 -7.73
C ILE B 236 -9.22 -45.87 -6.30
N GLY B 237 -10.08 -45.02 -5.74
CA GLY B 237 -10.50 -45.22 -4.36
C GLY B 237 -11.20 -46.55 -4.14
N ASN B 238 -11.98 -47.00 -5.12
CA ASN B 238 -12.66 -48.28 -5.01
C ASN B 238 -11.66 -49.43 -4.93
N VAL B 239 -10.67 -49.42 -5.81
CA VAL B 239 -9.64 -50.47 -5.80
C VAL B 239 -8.89 -50.45 -4.47
N ILE B 240 -8.53 -49.25 -4.00
CA ILE B 240 -7.78 -49.14 -2.76
C ILE B 240 -8.60 -49.65 -1.58
N LYS B 241 -9.88 -49.28 -1.53
CA LYS B 241 -10.74 -49.76 -0.44
C LYS B 241 -10.88 -51.27 -0.47
N VAL B 242 -11.05 -51.85 -1.66
CA VAL B 242 -11.19 -53.29 -1.78
C VAL B 242 -9.91 -53.98 -1.31
N GLN B 243 -8.75 -53.45 -1.71
CA GLN B 243 -7.49 -54.06 -1.31
C GLN B 243 -7.18 -53.88 0.18
N PHE B 244 -7.68 -52.81 0.80
CA PHE B 244 -7.32 -52.52 2.19
C PHE B 244 -8.34 -53.01 3.21
N LEU B 245 -9.57 -53.32 2.80
CA LEU B 245 -10.59 -53.74 3.76
C LEU B 245 -11.13 -55.14 3.53
N ASN B 246 -11.06 -55.67 2.31
CA ASN B 246 -11.58 -57.00 2.02
C ASN B 246 -10.49 -58.00 1.67
N ILE B 247 -9.67 -57.70 0.67
CA ILE B 247 -8.62 -58.63 0.25
C ILE B 247 -7.46 -58.67 1.24
N ARG B 248 -7.21 -57.55 1.94
CA ARG B 248 -6.11 -57.44 2.90
C ARG B 248 -4.74 -57.60 2.21
N ASP B 249 -4.65 -57.10 0.98
CA ASP B 249 -3.37 -57.03 0.27
C ASP B 249 -2.87 -55.59 0.37
N TRP B 250 -2.25 -55.29 1.50
CA TRP B 250 -1.80 -53.92 1.76
C TRP B 250 -0.73 -53.43 0.79
N PRO B 251 0.30 -54.21 0.43
CA PRO B 251 1.32 -53.68 -0.50
C PRO B 251 0.76 -53.24 -1.84
N PHE B 252 -0.29 -53.89 -2.34
CA PHE B 252 -0.89 -53.45 -3.60
C PHE B 252 -1.47 -52.05 -3.49
N GLY B 253 -2.19 -51.77 -2.40
CA GLY B 253 -2.70 -50.42 -2.19
C GLY B 253 -1.60 -49.41 -1.99
N ALA B 254 -0.54 -49.81 -1.27
CA ALA B 254 0.61 -48.92 -1.11
C ALA B 254 1.24 -48.57 -2.45
N ALA B 255 1.36 -49.55 -3.34
CA ALA B 255 1.91 -49.29 -4.66
C ALA B 255 0.98 -48.43 -5.49
N THR B 256 -0.33 -48.64 -5.37
CA THR B 256 -1.29 -47.84 -6.12
C THR B 256 -1.27 -46.37 -5.69
N SER B 257 -1.09 -46.11 -4.39
CA SER B 257 -1.09 -44.73 -3.90
C SER B 257 0.09 -43.92 -4.40
N ILE B 258 1.15 -44.57 -4.88
CA ILE B 258 2.32 -43.84 -5.36
C ILE B 258 2.00 -43.08 -6.63
N THR B 259 1.17 -43.67 -7.50
CA THR B 259 0.73 -42.95 -8.70
C THR B 259 -0.06 -41.70 -8.35
N LEU B 260 -0.84 -41.73 -7.27
CA LEU B 260 -1.53 -40.55 -6.77
C LEU B 260 -0.58 -39.52 -6.19
N THR B 261 0.47 -39.97 -5.49
CA THR B 261 1.44 -39.05 -4.92
C THR B 261 2.26 -38.34 -6.01
N ILE B 262 2.58 -39.05 -7.10
CA ILE B 262 3.44 -38.48 -8.14
C ILE B 262 2.78 -37.29 -8.81
N VAL B 263 1.48 -37.40 -9.12
CA VAL B 263 0.77 -36.30 -9.76
C VAL B 263 0.73 -35.10 -8.83
N MET B 264 0.52 -35.33 -7.53
CA MET B 264 0.55 -34.24 -6.56
C MET B 264 1.90 -33.55 -6.55
N GLY B 265 2.98 -34.33 -6.58
CA GLY B 265 4.31 -33.74 -6.62
C GLY B 265 4.54 -32.91 -7.87
N LEU B 266 4.11 -33.41 -9.02
CA LEU B 266 4.29 -32.67 -10.27
C LEU B 266 3.49 -31.37 -10.26
N MET B 267 2.25 -31.42 -9.77
CA MET B 267 1.46 -30.20 -9.70
C MET B 267 2.04 -29.20 -8.70
N LEU B 268 2.60 -29.70 -7.59
CA LEU B 268 3.27 -28.79 -6.65
C LEU B 268 4.48 -28.13 -7.30
N LEU B 269 5.25 -28.88 -8.09
CA LEU B 269 6.39 -28.29 -8.78
C LEU B 269 5.93 -27.22 -9.76
N VAL B 270 4.84 -27.47 -10.49
CA VAL B 270 4.31 -26.46 -11.42
C VAL B 270 3.87 -25.23 -10.65
N TYR B 271 3.21 -25.42 -9.51
CA TYR B 271 2.79 -24.29 -8.69
C TYR B 271 3.98 -23.47 -8.21
N TRP B 272 5.04 -24.15 -7.78
CA TRP B 272 6.23 -23.44 -7.30
C TRP B 272 6.88 -22.64 -8.42
N ARG B 273 7.01 -23.23 -9.61
CA ARG B 273 7.62 -22.47 -10.70
C ARG B 273 6.74 -21.30 -11.12
N ALA B 274 5.42 -21.48 -11.11
CA ALA B 274 4.53 -20.37 -11.46
C ALA B 274 4.61 -19.24 -10.44
N SER B 275 4.66 -19.59 -9.15
CA SER B 275 4.77 -18.57 -8.12
C SER B 275 6.11 -17.83 -8.21
N ARG B 276 7.19 -18.56 -8.50
CA ARG B 276 8.49 -17.91 -8.66
C ARG B 276 8.48 -16.98 -9.86
N LEU B 277 7.88 -17.39 -10.97
CA LEU B 277 7.88 -16.56 -12.17
C LEU B 277 6.98 -15.34 -12.01
N LEU B 278 5.90 -15.47 -11.25
CA LEU B 278 4.95 -14.37 -11.11
C LEU B 278 5.60 -13.15 -10.46
N ASN B 279 6.39 -13.36 -9.41
CA ASN B 279 7.04 -12.26 -8.71
C ASN B 279 8.24 -11.75 -9.49
N LEU C 5 -28.23 -8.46 -15.65
CA LEU C 5 -29.31 -9.35 -16.07
C LEU C 5 -28.81 -10.76 -16.28
N LEU C 6 -27.83 -10.93 -17.18
CA LEU C 6 -27.26 -12.23 -17.45
C LEU C 6 -26.32 -12.70 -16.33
N ARG C 7 -25.65 -11.76 -15.66
CA ARG C 7 -24.78 -12.12 -14.54
C ARG C 7 -25.58 -12.72 -13.39
N GLY C 8 -26.65 -12.05 -12.99
CA GLY C 8 -27.51 -12.58 -11.94
C GLY C 8 -28.12 -13.90 -12.31
N GLY C 9 -28.46 -14.08 -13.60
CA GLY C 9 -28.98 -15.37 -14.04
C GLY C 9 -27.97 -16.49 -13.87
N PHE C 10 -26.71 -16.23 -14.21
CA PHE C 10 -25.67 -17.24 -14.05
C PHE C 10 -25.45 -17.58 -12.58
N MET C 11 -25.38 -16.54 -11.73
CA MET C 11 -25.19 -16.79 -10.30
C MET C 11 -26.37 -17.57 -9.72
N THR C 12 -27.59 -17.21 -10.10
CA THR C 12 -28.77 -17.92 -9.62
C THR C 12 -28.78 -19.36 -10.11
N ALA C 13 -28.35 -19.60 -11.35
CA ALA C 13 -28.28 -20.96 -11.88
C ALA C 13 -27.29 -21.79 -11.08
N ILE C 14 -26.13 -21.23 -10.76
CA ILE C 14 -25.14 -21.97 -9.98
C ILE C 14 -25.69 -22.28 -8.58
N TYR C 15 -26.33 -21.29 -7.94
CA TYR C 15 -26.88 -21.51 -6.62
C TYR C 15 -27.97 -22.57 -6.64
N ALA C 16 -28.83 -22.54 -7.66
CA ALA C 16 -29.88 -23.56 -7.77
C ALA C 16 -29.30 -24.94 -8.00
N TYR C 17 -28.27 -25.04 -8.85
CA TYR C 17 -27.60 -26.31 -9.06
C TYR C 17 -27.00 -26.84 -7.76
N LEU C 18 -26.48 -25.95 -6.92
CA LEU C 18 -25.92 -26.37 -5.65
C LEU C 18 -26.98 -26.71 -4.60
N TYR C 19 -28.16 -26.11 -4.67
CA TYR C 19 -29.15 -26.23 -3.60
C TYR C 19 -30.33 -27.13 -3.92
N ILE C 20 -30.48 -27.60 -5.16
CA ILE C 20 -31.67 -28.37 -5.53
C ILE C 20 -31.81 -29.68 -4.74
N PRO C 21 -30.76 -30.51 -4.58
CA PRO C 21 -30.95 -31.74 -3.81
C PRO C 21 -31.45 -31.54 -2.39
N ILE C 22 -31.05 -30.45 -1.72
CA ILE C 22 -31.47 -30.22 -0.35
C ILE C 22 -32.98 -30.01 -0.28
N ILE C 23 -33.52 -29.22 -1.20
CA ILE C 23 -34.97 -29.00 -1.23
C ILE C 23 -35.69 -30.31 -1.51
N ILE C 24 -35.12 -31.14 -2.38
CA ILE C 24 -35.74 -32.43 -2.68
C ILE C 24 -35.77 -33.31 -1.44
N LEU C 25 -34.67 -33.36 -0.69
CA LEU C 25 -34.64 -34.15 0.53
C LEU C 25 -35.67 -33.64 1.54
N ILE C 26 -35.75 -32.32 1.70
CA ILE C 26 -36.69 -31.75 2.66
C ILE C 26 -38.12 -32.06 2.27
N VAL C 27 -38.45 -31.93 0.98
CA VAL C 27 -39.80 -32.22 0.52
C VAL C 27 -40.13 -33.70 0.70
N ASN C 28 -39.20 -34.59 0.33
CA ASN C 28 -39.43 -36.01 0.48
C ASN C 28 -39.45 -36.46 1.93
N SER C 29 -39.00 -35.62 2.86
CA SER C 29 -39.12 -35.96 4.27
C SER C 29 -40.59 -36.11 4.68
N PHE C 30 -41.45 -35.24 4.17
CA PHE C 30 -42.87 -35.26 4.48
C PHE C 30 -43.68 -36.03 3.43
N ASN C 31 -43.03 -36.63 2.45
CA ASN C 31 -43.73 -37.38 1.43
C ASN C 31 -44.18 -38.74 1.98
N SER C 32 -45.07 -39.39 1.23
CA SER C 32 -45.63 -40.68 1.63
C SER C 32 -44.98 -41.86 0.93
N SER C 33 -44.46 -41.67 -0.28
CA SER C 33 -43.83 -42.76 -1.01
C SER C 33 -42.54 -43.19 -0.33
N ARG C 34 -42.32 -44.50 -0.27
CA ARG C 34 -41.11 -45.01 0.36
C ARG C 34 -39.88 -44.72 -0.49
N PHE C 35 -39.95 -44.95 -1.80
CA PHE C 35 -38.83 -44.68 -2.67
C PHE C 35 -38.65 -43.18 -2.90
N GLY C 36 -39.74 -42.41 -2.84
CA GLY C 36 -39.67 -40.97 -2.98
C GLY C 36 -39.59 -40.46 -4.40
N ILE C 37 -39.85 -41.30 -5.40
CA ILE C 37 -39.77 -40.85 -6.78
C ILE C 37 -40.87 -39.84 -7.09
N ASN C 38 -42.10 -40.12 -6.66
CA ASN C 38 -43.24 -39.26 -6.91
C ASN C 38 -43.75 -38.67 -5.59
N TRP C 39 -44.78 -37.84 -5.69
CA TRP C 39 -45.41 -37.20 -4.54
C TRP C 39 -46.81 -37.76 -4.36
N GLN C 40 -47.08 -38.29 -3.17
CA GLN C 40 -48.35 -38.95 -2.87
C GLN C 40 -48.91 -38.46 -1.54
N GLY C 41 -48.91 -37.15 -1.33
CA GLY C 41 -49.56 -36.56 -0.17
C GLY C 41 -48.58 -36.17 0.92
N PHE C 42 -49.14 -35.58 1.96
CA PHE C 42 -48.38 -35.09 3.10
C PHE C 42 -48.69 -35.92 4.34
N THR C 43 -47.64 -36.49 4.93
CA THR C 43 -47.77 -37.28 6.15
C THR C 43 -46.66 -36.87 7.11
N THR C 44 -46.84 -37.26 8.37
CA THR C 44 -45.83 -37.06 9.41
C THR C 44 -45.40 -38.40 10.01
N LYS C 45 -45.57 -39.49 9.28
CA LYS C 45 -45.23 -40.82 9.79
C LYS C 45 -43.72 -40.97 9.95
N TRP C 46 -42.94 -40.39 9.03
CA TRP C 46 -41.51 -40.61 9.02
C TRP C 46 -40.84 -40.05 10.27
N TYR C 47 -41.30 -38.87 10.74
CA TYR C 47 -40.74 -38.31 11.96
C TYR C 47 -40.99 -39.21 13.16
N SER C 48 -42.21 -39.73 13.28
CA SER C 48 -42.54 -40.63 14.39
C SER C 48 -41.72 -41.92 14.31
N LEU C 49 -41.55 -42.47 13.11
CA LEU C 49 -40.74 -43.67 12.96
C LEU C 49 -39.28 -43.40 13.31
N LEU C 50 -38.75 -42.24 12.92
CA LEU C 50 -37.38 -41.88 13.27
C LEU C 50 -37.20 -41.75 14.77
N MET C 51 -38.20 -41.15 15.45
CA MET C 51 -38.08 -40.92 16.88
C MET C 51 -37.88 -42.22 17.66
N ASN C 52 -38.33 -43.34 17.12
CA ASN C 52 -38.16 -44.63 17.77
C ASN C 52 -36.87 -45.34 17.38
N ASN C 53 -36.13 -44.83 16.40
CA ASN C 53 -34.87 -45.44 16.00
C ASN C 53 -33.76 -45.04 16.97
N ASP C 54 -32.91 -46.00 17.33
CA ASP C 54 -31.89 -45.79 18.34
C ASP C 54 -30.49 -45.66 17.75
N SER C 55 -30.11 -46.54 16.82
CA SER C 55 -28.77 -46.50 16.27
C SER C 55 -28.53 -45.21 15.48
N LEU C 56 -29.54 -44.77 14.73
CA LEU C 56 -29.40 -43.55 13.93
C LEU C 56 -29.17 -42.33 14.83
N LEU C 57 -29.94 -42.23 15.91
CA LEU C 57 -29.80 -41.11 16.82
C LEU C 57 -28.44 -41.15 17.53
N GLN C 58 -27.99 -42.34 17.91
CA GLN C 58 -26.67 -42.48 18.53
C GLN C 58 -25.57 -42.04 17.57
N ALA C 59 -25.69 -42.44 16.29
CA ALA C 59 -24.70 -42.03 15.30
C ALA C 59 -24.70 -40.52 15.12
N ALA C 60 -25.88 -39.90 15.08
CA ALA C 60 -25.96 -38.46 14.93
C ALA C 60 -25.33 -37.75 16.13
N GLN C 61 -25.61 -38.23 17.34
CA GLN C 61 -25.03 -37.63 18.53
C GLN C 61 -23.51 -37.76 18.53
N HIS C 62 -23.01 -38.94 18.16
CA HIS C 62 -21.56 -39.12 18.08
C HIS C 62 -20.93 -38.19 17.08
N SER C 63 -21.56 -38.03 15.91
CA SER C 63 -21.02 -37.14 14.88
C SER C 63 -20.98 -35.70 15.37
N LEU C 64 -22.06 -35.24 16.01
CA LEU C 64 -22.09 -33.87 16.50
C LEU C 64 -21.02 -33.63 17.56
N THR C 65 -20.91 -34.55 18.53
CA THR C 65 -19.91 -34.39 19.58
C THR C 65 -18.50 -34.40 18.99
N MET C 66 -18.26 -35.30 18.03
CA MET C 66 -16.94 -35.40 17.41
C MET C 66 -16.59 -34.11 16.70
N ALA C 67 -17.55 -33.54 15.95
CA ALA C 67 -17.31 -32.30 15.25
C ALA C 67 -16.99 -31.18 16.22
N VAL C 68 -17.74 -31.08 17.32
CA VAL C 68 -17.51 -30.01 18.29
C VAL C 68 -16.11 -30.13 18.89
N PHE C 69 -15.74 -31.32 19.34
CA PHE C 69 -14.44 -31.51 19.98
C PHE C 69 -13.29 -31.22 19.02
N SER C 70 -13.38 -31.78 17.81
CA SER C 70 -12.33 -31.58 16.82
C SER C 70 -12.20 -30.10 16.46
N ALA C 71 -13.34 -29.42 16.28
CA ALA C 71 -13.29 -28.00 15.94
C ALA C 71 -12.62 -27.20 17.04
N THR C 72 -12.96 -27.48 18.30
CA THR C 72 -12.36 -26.73 19.41
C THR C 72 -10.86 -26.92 19.45
N PHE C 73 -10.40 -28.18 19.44
CA PHE C 73 -8.96 -28.43 19.55
C PHE C 73 -8.21 -27.88 18.35
N ALA C 74 -8.74 -28.07 17.14
CA ALA C 74 -8.07 -27.57 15.95
C ALA C 74 -8.00 -26.05 15.96
N THR C 75 -9.09 -25.39 16.38
CA THR C 75 -9.08 -23.93 16.46
C THR C 75 -8.01 -23.44 17.41
N LEU C 76 -7.92 -24.08 18.59
CA LEU C 76 -6.92 -23.65 19.57
C LEU C 76 -5.50 -23.80 19.01
N ILE C 77 -5.18 -25.00 18.50
CA ILE C 77 -3.81 -25.24 18.03
C ILE C 77 -3.47 -24.35 16.84
N GLY C 78 -4.41 -24.21 15.90
CA GLY C 78 -4.15 -23.38 14.73
C GLY C 78 -3.99 -21.92 15.07
N SER C 79 -4.81 -21.40 15.99
CA SER C 79 -4.65 -20.01 16.41
C SER C 79 -3.30 -19.78 17.06
N LEU C 80 -2.88 -20.71 17.93
CA LEU C 80 -1.56 -20.57 18.55
C LEU C 80 -0.45 -20.58 17.51
N THR C 81 -0.52 -21.51 16.54
CA THR C 81 0.52 -21.59 15.52
C THR C 81 0.55 -20.34 14.65
N ALA C 82 -0.62 -19.83 14.26
CA ALA C 82 -0.67 -18.62 13.44
C ALA C 82 -0.11 -17.42 14.20
N VAL C 83 -0.45 -17.28 15.47
CA VAL C 83 0.09 -16.18 16.27
C VAL C 83 1.61 -16.29 16.36
N ALA C 84 2.11 -17.52 16.56
CA ALA C 84 3.56 -17.71 16.62
C ALA C 84 4.22 -17.32 15.30
N LEU C 85 3.61 -17.72 14.18
CA LEU C 85 4.20 -17.41 12.88
C LEU C 85 4.21 -15.90 12.61
N TYR C 86 3.12 -15.21 12.95
CA TYR C 86 3.03 -13.79 12.64
C TYR C 86 3.90 -12.96 13.56
N ARG C 87 3.92 -13.27 14.86
CA ARG C 87 4.62 -12.42 15.82
C ARG C 87 6.12 -12.44 15.59
N TYR C 88 6.71 -13.61 15.43
CA TYR C 88 8.16 -13.75 15.28
C TYR C 88 8.53 -13.76 13.81
N ARG C 89 9.63 -13.10 13.48
CA ARG C 89 10.14 -13.02 12.12
C ARG C 89 11.45 -13.80 12.04
N PHE C 90 11.51 -14.75 11.12
CA PHE C 90 12.70 -15.57 10.94
C PHE C 90 12.73 -16.11 9.52
N ARG C 91 13.90 -16.61 9.12
CA ARG C 91 14.07 -17.15 7.77
C ARG C 91 13.30 -18.45 7.55
N GLY C 92 12.92 -19.13 8.62
CA GLY C 92 12.21 -20.38 8.52
C GLY C 92 10.71 -20.28 8.29
N LYS C 93 10.17 -19.06 8.25
CA LYS C 93 8.74 -18.90 8.02
C LYS C 93 8.29 -19.46 6.66
N PRO C 94 8.99 -19.21 5.55
CA PRO C 94 8.58 -19.86 4.29
C PRO C 94 8.62 -21.38 4.37
N PHE C 95 9.53 -21.96 5.16
CA PHE C 95 9.59 -23.41 5.30
C PHE C 95 8.31 -23.94 5.93
N VAL C 96 7.85 -23.30 7.01
CA VAL C 96 6.61 -23.72 7.65
C VAL C 96 5.41 -23.46 6.75
N SER C 97 5.45 -22.35 5.99
CA SER C 97 4.38 -22.07 5.05
C SER C 97 4.26 -23.17 4.00
N GLY C 98 5.40 -23.60 3.44
CA GLY C 98 5.40 -24.70 2.50
C GLY C 98 4.99 -26.02 3.12
N MET C 99 5.40 -26.26 4.37
CA MET C 99 4.98 -27.46 5.08
C MET C 99 3.46 -27.53 5.19
N LEU C 100 2.85 -26.44 5.63
CA LEU C 100 1.40 -26.41 5.76
C LEU C 100 0.70 -26.46 4.40
N PHE C 101 1.28 -25.84 3.39
CA PHE C 101 0.69 -25.89 2.06
C PHE C 101 0.71 -27.32 1.51
N VAL C 102 1.80 -28.05 1.76
CA VAL C 102 1.90 -29.42 1.28
C VAL C 102 0.94 -30.32 2.05
N VAL C 103 0.85 -30.16 3.37
CA VAL C 103 -0.09 -30.98 4.12
C VAL C 103 -1.53 -30.64 3.76
N MET C 104 -1.78 -29.41 3.28
CA MET C 104 -3.12 -29.03 2.87
C MET C 104 -3.52 -29.68 1.55
N MET C 105 -2.60 -29.71 0.58
CA MET C 105 -2.87 -30.24 -0.75
C MET C 105 -2.48 -31.72 -0.87
N SER C 106 -3.09 -32.56 -0.05
CA SER C 106 -2.82 -33.98 -0.05
C SER C 106 -4.12 -34.77 -0.21
N PRO C 107 -4.08 -35.89 -0.92
CA PRO C 107 -5.30 -36.67 -1.12
C PRO C 107 -5.81 -37.26 0.19
N ASP C 108 -7.13 -37.41 0.26
CA ASP C 108 -7.75 -37.97 1.46
C ASP C 108 -7.44 -39.45 1.61
N ILE C 109 -7.44 -40.20 0.51
CA ILE C 109 -7.21 -41.64 0.57
C ILE C 109 -5.80 -41.94 1.09
N VAL C 110 -4.80 -41.21 0.61
CA VAL C 110 -3.43 -41.43 1.05
C VAL C 110 -3.29 -41.17 2.54
N MET C 111 -3.88 -40.07 3.02
CA MET C 111 -3.80 -39.75 4.44
C MET C 111 -4.51 -40.81 5.28
N ALA C 112 -5.68 -41.26 4.85
CA ALA C 112 -6.40 -42.29 5.59
C ALA C 112 -5.59 -43.58 5.65
N ILE C 113 -5.01 -43.99 4.52
CA ILE C 113 -4.20 -45.20 4.47
C ILE C 113 -3.01 -45.09 5.42
N SER C 114 -2.32 -43.95 5.36
CA SER C 114 -1.13 -43.77 6.20
C SER C 114 -1.49 -43.79 7.68
N LEU C 115 -2.58 -43.11 8.05
CA LEU C 115 -2.99 -43.10 9.45
C LEU C 115 -3.39 -44.49 9.91
N LEU C 116 -4.12 -45.24 9.08
CA LEU C 116 -4.49 -46.60 9.44
C LEU C 116 -3.26 -47.48 9.64
N VAL C 117 -2.28 -47.37 8.75
CA VAL C 117 -1.07 -48.19 8.87
C VAL C 117 -0.32 -47.84 10.15
N LEU C 118 -0.16 -46.55 10.43
CA LEU C 118 0.55 -46.14 11.63
C LEU C 118 -0.17 -46.62 12.88
N PHE C 119 -1.50 -46.50 12.92
CA PHE C 119 -2.25 -46.91 14.10
C PHE C 119 -2.23 -48.42 14.28
N MET C 120 -2.25 -49.17 13.18
CA MET C 120 -2.15 -50.62 13.30
C MET C 120 -0.78 -51.05 13.80
N LEU C 121 0.29 -50.39 13.34
CA LEU C 121 1.62 -50.75 13.82
C LEU C 121 1.79 -50.38 15.29
N LEU C 122 1.28 -49.21 15.68
CA LEU C 122 1.47 -48.74 17.05
C LEU C 122 0.76 -49.61 18.06
N GLY C 123 -0.32 -50.29 17.66
CA GLY C 123 -1.03 -51.16 18.54
C GLY C 123 -2.16 -50.47 19.27
N ILE C 124 -2.87 -49.57 18.58
CA ILE C 124 -3.97 -48.80 19.14
C ILE C 124 -5.25 -49.28 18.48
N GLN C 125 -6.23 -49.67 19.29
CA GLN C 125 -7.51 -50.09 18.75
C GLN C 125 -8.25 -48.90 18.15
N LEU C 126 -8.90 -49.13 17.01
CA LEU C 126 -9.61 -48.07 16.32
C LEU C 126 -10.85 -47.67 17.12
N GLY C 127 -11.19 -46.39 17.02
CA GLY C 127 -12.36 -45.88 17.73
C GLY C 127 -12.38 -44.38 17.89
N PHE C 128 -12.65 -43.93 19.12
CA PHE C 128 -12.83 -42.50 19.37
C PHE C 128 -11.53 -41.74 19.16
N TRP C 129 -10.44 -42.21 19.76
CA TRP C 129 -9.19 -41.45 19.72
C TRP C 129 -8.65 -41.33 18.30
N SER C 130 -8.70 -42.43 17.54
CA SER C 130 -8.21 -42.39 16.17
C SER C 130 -8.98 -41.40 15.32
N LEU C 131 -10.31 -41.43 15.43
CA LEU C 131 -11.15 -40.53 14.65
C LEU C 131 -10.89 -39.07 15.04
N LEU C 132 -10.79 -38.80 16.35
CA LEU C 132 -10.56 -37.44 16.80
C LEU C 132 -9.23 -36.91 16.30
N PHE C 133 -8.18 -37.73 16.41
CA PHE C 133 -6.86 -37.30 15.95
C PHE C 133 -6.84 -37.06 14.44
N SER C 134 -7.48 -37.94 13.68
CA SER C 134 -7.53 -37.76 12.23
C SER C 134 -8.28 -36.47 11.87
N HIS C 135 -9.40 -36.22 12.55
CA HIS C 135 -10.17 -35.01 12.25
C HIS C 135 -9.37 -33.75 12.58
N ILE C 136 -8.70 -33.73 13.73
CA ILE C 136 -7.88 -32.58 14.07
C ILE C 136 -6.77 -32.39 13.04
N THR C 137 -6.12 -33.49 12.64
CA THR C 137 -5.01 -33.40 11.70
C THR C 137 -5.47 -32.83 10.37
N PHE C 138 -6.62 -33.27 9.85
CA PHE C 138 -7.03 -32.77 8.55
C PHE C 138 -7.76 -31.43 8.63
N CYS C 139 -8.18 -30.99 9.81
CA CYS C 139 -8.78 -29.67 9.95
C CYS C 139 -7.79 -28.60 10.39
N LEU C 140 -6.55 -28.97 10.72
CA LEU C 140 -5.58 -27.98 11.20
C LEU C 140 -5.26 -26.87 10.19
N PRO C 141 -4.89 -27.16 8.93
CA PRO C 141 -4.34 -26.09 8.08
C PRO C 141 -5.29 -24.93 7.82
N PHE C 142 -6.60 -25.17 7.75
CA PHE C 142 -7.53 -24.11 7.36
C PHE C 142 -7.60 -23.01 8.41
N VAL C 143 -7.63 -23.38 9.69
CA VAL C 143 -7.67 -22.37 10.76
C VAL C 143 -6.38 -21.56 10.74
N VAL C 144 -5.24 -22.23 10.54
CA VAL C 144 -3.97 -21.55 10.47
C VAL C 144 -3.99 -20.53 9.34
N VAL C 145 -4.47 -20.94 8.17
CA VAL C 145 -4.50 -20.05 7.01
C VAL C 145 -5.40 -18.85 7.29
N THR C 146 -6.57 -19.09 7.88
CA THR C 146 -7.51 -17.99 8.13
C THR C 146 -6.92 -16.98 9.10
N VAL C 147 -6.44 -17.44 10.26
CA VAL C 147 -5.92 -16.50 11.26
C VAL C 147 -4.65 -15.83 10.75
N TYR C 148 -3.83 -16.56 9.99
CA TYR C 148 -2.61 -16.00 9.43
C TYR C 148 -2.93 -14.89 8.44
N SER C 149 -3.94 -15.09 7.60
CA SER C 149 -4.32 -14.09 6.61
C SER C 149 -4.95 -12.87 7.27
N ARG C 150 -5.76 -13.07 8.31
CA ARG C 150 -6.43 -11.95 8.96
C ARG C 150 -5.42 -11.00 9.59
N LEU C 151 -4.35 -11.53 10.17
CA LEU C 151 -3.46 -10.74 11.00
C LEU C 151 -2.77 -9.62 10.23
N LYS C 152 -2.32 -9.89 9.00
CA LYS C 152 -1.69 -8.86 8.18
C LYS C 152 -2.65 -7.78 7.70
N GLY C 153 -3.88 -7.74 8.19
CA GLY C 153 -4.70 -6.57 7.97
C GLY C 153 -4.35 -5.39 8.83
N PHE C 154 -3.34 -5.53 9.68
CA PHE C 154 -2.91 -4.48 10.60
C PHE C 154 -1.41 -4.29 10.50
N ASP C 155 -0.94 -3.13 10.95
CA ASP C 155 0.49 -2.84 10.94
C ASP C 155 1.23 -3.68 11.97
N VAL C 156 2.50 -3.95 11.67
CA VAL C 156 3.34 -4.73 12.58
C VAL C 156 3.98 -3.85 13.65
N ARG C 157 4.13 -2.54 13.39
CA ARG C 157 4.79 -1.65 14.33
C ARG C 157 4.01 -1.44 15.62
N MET C 158 2.75 -1.89 15.68
CA MET C 158 1.97 -1.74 16.90
C MET C 158 2.61 -2.49 18.07
N LEU C 159 3.15 -3.69 17.80
CA LEU C 159 3.80 -4.45 18.84
C LEU C 159 5.05 -3.72 19.37
N GLU C 160 5.81 -3.10 18.47
CA GLU C 160 6.95 -2.31 18.91
C GLU C 160 6.53 -1.11 19.74
N ALA C 161 5.40 -0.50 19.40
CA ALA C 161 4.87 0.59 20.22
C ALA C 161 4.52 0.12 21.61
N ALA C 162 3.91 -1.07 21.71
CA ALA C 162 3.60 -1.64 23.02
C ALA C 162 4.87 -1.92 23.81
N LYS C 163 5.90 -2.45 23.15
CA LYS C 163 7.16 -2.70 23.83
C LYS C 163 7.77 -1.42 24.35
N ASP C 164 7.78 -0.37 23.52
CA ASP C 164 8.33 0.92 23.95
C ASP C 164 7.53 1.53 25.08
N LEU C 165 6.22 1.28 25.11
CA LEU C 165 5.37 1.80 26.17
C LEU C 165 5.50 1.01 27.47
N GLY C 166 6.19 -0.12 27.45
CA GLY C 166 6.42 -0.90 28.67
C GLY C 166 5.53 -2.11 28.83
N ALA C 167 5.33 -2.87 27.75
CA ALA C 167 4.46 -4.04 27.76
C ALA C 167 5.29 -5.32 27.69
N SER C 168 4.95 -6.27 28.54
CA SER C 168 5.56 -7.58 28.49
C SER C 168 4.94 -8.41 27.37
N GLU C 169 5.60 -9.52 27.04
CA GLU C 169 5.11 -10.38 25.97
C GLU C 169 3.76 -11.02 26.29
N PHE C 170 3.43 -11.18 27.57
CA PHE C 170 2.15 -11.79 27.93
C PHE C 170 1.00 -10.81 27.78
N THR C 171 1.21 -9.53 28.13
CA THR C 171 0.13 -8.56 28.05
C THR C 171 -0.23 -8.22 26.61
N ILE C 172 0.73 -8.31 25.70
CA ILE C 172 0.47 -7.97 24.30
C ILE C 172 -0.59 -8.91 23.73
N LEU C 173 -0.44 -10.20 23.95
CA LEU C 173 -1.41 -11.17 23.40
C LEU C 173 -2.80 -10.93 23.98
N ARG C 174 -2.89 -10.66 25.28
CA ARG C 174 -4.19 -10.45 25.90
C ARG C 174 -4.86 -9.18 25.40
N LYS C 175 -4.11 -8.10 25.24
CA LYS C 175 -4.72 -6.79 25.08
C LYS C 175 -4.71 -6.27 23.64
N ILE C 176 -3.93 -6.84 22.73
CA ILE C 176 -3.85 -6.32 21.38
C ILE C 176 -4.18 -7.40 20.37
N ILE C 177 -3.41 -8.49 20.38
CA ILE C 177 -3.52 -9.51 19.34
C ILE C 177 -4.88 -10.20 19.41
N LEU C 178 -5.29 -10.62 20.61
CA LEU C 178 -6.56 -11.32 20.73
C LEU C 178 -7.77 -10.48 20.37
N PRO C 179 -7.90 -9.21 20.81
CA PRO C 179 -9.00 -8.39 20.30
C PRO C 179 -9.15 -8.40 18.79
N LEU C 180 -8.04 -8.39 18.05
CA LEU C 180 -8.08 -8.30 16.60
C LEU C 180 -8.19 -9.67 15.90
N ALA C 181 -8.11 -10.77 16.65
CA ALA C 181 -8.14 -12.10 16.06
C ALA C 181 -9.39 -12.89 16.44
N MET C 182 -10.24 -12.36 17.31
CA MET C 182 -11.47 -13.06 17.67
C MET C 182 -12.39 -13.29 16.47
N PRO C 183 -12.65 -12.33 15.60
CA PRO C 183 -13.48 -12.64 14.42
C PRO C 183 -12.89 -13.72 13.54
N ALA C 184 -11.57 -13.82 13.46
CA ALA C 184 -10.94 -14.88 12.67
C ALA C 184 -11.04 -16.22 13.39
N VAL C 185 -10.94 -16.21 14.73
CA VAL C 185 -11.03 -17.44 15.49
C VAL C 185 -12.42 -18.07 15.35
N ALA C 186 -13.46 -17.24 15.40
CA ALA C 186 -14.82 -17.76 15.24
C ALA C 186 -15.02 -18.36 13.84
N ALA C 187 -14.46 -17.72 12.81
CA ALA C 187 -14.58 -18.25 11.46
C ALA C 187 -13.89 -19.60 11.34
N GLY C 188 -12.72 -19.75 11.96
CA GLY C 188 -12.03 -21.03 11.91
C GLY C 188 -12.81 -22.14 12.58
N TRP C 189 -13.43 -21.85 13.72
CA TRP C 189 -14.24 -22.86 14.41
C TRP C 189 -15.44 -23.28 13.57
N VAL C 190 -16.10 -22.32 12.92
CA VAL C 190 -17.24 -22.63 12.09
C VAL C 190 -16.81 -23.49 10.89
N LEU C 191 -15.69 -23.12 10.27
CA LEU C 191 -15.21 -23.89 9.12
C LEU C 191 -14.79 -25.29 9.53
N SER C 192 -14.14 -25.43 10.69
CA SER C 192 -13.73 -26.75 11.17
C SER C 192 -14.93 -27.62 11.46
N PHE C 193 -15.98 -27.05 12.05
CA PHE C 193 -17.21 -27.81 12.31
C PHE C 193 -17.84 -28.29 11.02
N THR C 194 -17.85 -27.43 9.99
CA THR C 194 -18.46 -27.79 8.72
C THR C 194 -17.72 -28.93 8.04
N LEU C 195 -16.39 -28.88 8.05
CA LEU C 195 -15.60 -29.90 7.37
C LEU C 195 -15.76 -31.27 8.03
N SER C 196 -15.78 -31.30 9.36
CA SER C 196 -15.87 -32.57 10.08
C SER C 196 -17.26 -33.20 9.99
N MET C 197 -18.26 -32.46 9.52
CA MET C 197 -19.61 -32.97 9.36
C MET C 197 -19.89 -33.44 7.94
N ASP C 198 -18.86 -33.52 7.10
CA ASP C 198 -19.04 -33.95 5.72
C ASP C 198 -18.03 -34.99 5.27
N ASP C 199 -16.97 -35.25 6.03
CA ASP C 199 -15.94 -36.21 5.64
C ASP C 199 -16.51 -37.62 5.67
N VAL C 200 -16.25 -38.38 4.60
CA VAL C 200 -16.74 -39.75 4.49
C VAL C 200 -15.62 -40.76 4.22
N VAL C 201 -14.48 -40.33 3.70
CA VAL C 201 -13.40 -41.25 3.35
C VAL C 201 -12.56 -41.63 4.56
N VAL C 202 -11.96 -40.62 5.21
CA VAL C 202 -11.10 -40.87 6.37
C VAL C 202 -11.90 -41.54 7.47
N SER C 203 -13.12 -41.07 7.71
CA SER C 203 -13.98 -41.66 8.74
C SER C 203 -14.28 -43.12 8.43
N SER C 204 -14.57 -43.43 7.16
CA SER C 204 -14.82 -44.81 6.79
C SER C 204 -13.57 -45.68 6.87
N PHE C 205 -12.38 -45.08 6.81
CA PHE C 205 -11.18 -45.89 6.88
C PHE C 205 -10.69 -46.12 8.30
N VAL C 206 -10.78 -45.13 9.19
CA VAL C 206 -10.17 -45.24 10.51
C VAL C 206 -11.23 -45.35 11.62
N THR C 207 -12.40 -45.91 11.32
CA THR C 207 -13.42 -46.12 12.32
C THR C 207 -13.36 -47.55 12.87
N GLY C 208 -14.06 -47.75 13.98
CA GLY C 208 -14.11 -49.05 14.61
C GLY C 208 -15.54 -49.45 14.97
N PRO C 209 -15.76 -50.73 15.24
CA PRO C 209 -17.10 -51.21 15.60
C PRO C 209 -17.66 -50.61 16.90
N SER C 210 -16.80 -50.13 17.80
CA SER C 210 -17.29 -49.60 19.07
C SER C 210 -17.95 -48.23 18.89
N TYR C 211 -17.42 -47.40 18.00
CA TYR C 211 -17.94 -46.06 17.76
C TYR C 211 -18.58 -46.02 16.38
N GLU C 212 -19.87 -45.71 16.33
CA GLU C 212 -20.63 -45.70 15.09
C GLU C 212 -21.01 -44.27 14.74
N ILE C 213 -20.79 -43.88 13.49
CA ILE C 213 -21.06 -42.53 13.02
C ILE C 213 -22.11 -42.59 11.92
N LEU C 214 -22.68 -41.43 11.61
CA LEU C 214 -23.77 -41.31 10.65
C LEU C 214 -23.35 -41.75 9.23
N PRO C 215 -22.18 -41.33 8.72
CA PRO C 215 -21.80 -41.81 7.38
C PRO C 215 -21.74 -43.33 7.26
N LEU C 216 -21.21 -44.01 8.27
CA LEU C 216 -21.12 -45.46 8.23
C LEU C 216 -22.49 -46.10 8.26
N LYS C 217 -23.39 -45.58 9.10
CA LYS C 217 -24.74 -46.12 9.16
C LYS C 217 -25.47 -45.94 7.84
N ILE C 218 -25.32 -44.76 7.22
CA ILE C 218 -25.97 -44.51 5.94
C ILE C 218 -25.39 -45.44 4.86
N TYR C 219 -24.08 -45.63 4.87
CA TYR C 219 -23.46 -46.51 3.89
C TYR C 219 -23.95 -47.95 4.07
N SER C 220 -24.11 -48.38 5.32
CA SER C 220 -24.63 -49.72 5.56
C SER C 220 -26.07 -49.85 5.08
N MET C 221 -26.89 -48.83 5.32
CA MET C 221 -28.29 -48.88 4.89
C MET C 221 -28.43 -48.74 3.38
N VAL C 222 -27.41 -48.23 2.68
CA VAL C 222 -27.51 -48.03 1.24
C VAL C 222 -27.69 -49.36 0.52
N LYS C 223 -26.95 -50.39 0.93
CA LYS C 223 -26.98 -51.68 0.23
C LYS C 223 -28.37 -52.29 0.26
N VAL C 224 -29.11 -52.10 1.35
CA VAL C 224 -30.46 -52.65 1.45
C VAL C 224 -31.49 -51.63 0.98
N GLY C 225 -31.37 -50.39 1.44
CA GLY C 225 -32.32 -49.35 1.10
C GLY C 225 -32.56 -48.40 2.26
N VAL C 226 -32.73 -47.12 1.96
CA VAL C 226 -32.87 -46.08 2.98
C VAL C 226 -34.30 -45.58 2.99
N SER C 227 -34.73 -45.10 4.15
CA SER C 227 -36.07 -44.58 4.38
C SER C 227 -36.00 -43.08 4.65
N PRO C 228 -37.13 -42.37 4.51
CA PRO C 228 -37.14 -40.91 4.76
C PRO C 228 -36.80 -40.53 6.19
N GLU C 229 -36.52 -41.51 7.06
CA GLU C 229 -35.97 -41.19 8.37
C GLU C 229 -34.65 -40.44 8.23
N VAL C 230 -33.85 -40.79 7.22
CA VAL C 230 -32.64 -40.05 6.95
C VAL C 230 -32.96 -38.61 6.57
N ASN C 231 -34.05 -38.41 5.82
CA ASN C 231 -34.47 -37.05 5.45
C ASN C 231 -34.85 -36.24 6.68
N ALA C 232 -35.62 -36.85 7.59
CA ALA C 232 -36.00 -36.15 8.82
C ALA C 232 -34.78 -35.83 9.67
N LEU C 233 -33.86 -36.77 9.80
CA LEU C 233 -32.62 -36.50 10.54
C LEU C 233 -31.84 -35.37 9.89
N ALA C 234 -31.78 -35.35 8.55
CA ALA C 234 -31.04 -34.32 7.85
C ALA C 234 -31.62 -32.94 8.09
N THR C 235 -32.95 -32.82 8.02
CA THR C 235 -33.55 -31.50 8.23
C THR C 235 -33.44 -31.06 9.69
N ILE C 236 -33.55 -32.00 10.64
CA ILE C 236 -33.37 -31.65 12.04
C ILE C 236 -31.94 -31.16 12.29
N LEU C 237 -30.96 -31.86 11.72
CA LEU C 237 -29.57 -31.44 11.87
C LEU C 237 -29.32 -30.11 11.19
N LEU C 238 -29.99 -29.85 10.07
CA LEU C 238 -29.86 -28.56 9.40
C LEU C 238 -30.35 -27.44 10.30
N VAL C 239 -31.51 -27.63 10.94
CA VAL C 239 -32.02 -26.61 11.85
C VAL C 239 -31.07 -26.41 13.03
N LEU C 240 -30.57 -27.52 13.59
CA LEU C 240 -29.66 -27.42 14.73
C LEU C 240 -28.37 -26.69 14.38
N SER C 241 -27.77 -27.00 13.23
CA SER C 241 -26.57 -26.29 12.80
C SER C 241 -26.86 -24.82 12.48
N LEU C 242 -28.05 -24.53 11.95
CA LEU C 242 -28.42 -23.14 11.67
C LEU C 242 -28.50 -22.33 12.95
N VAL C 243 -29.07 -22.90 14.01
CA VAL C 243 -29.10 -22.16 15.28
C VAL C 243 -27.71 -22.10 15.91
N MET C 244 -26.91 -23.15 15.72
CA MET C 244 -25.57 -23.18 16.32
C MET C 244 -24.66 -22.12 15.72
N VAL C 245 -24.70 -21.94 14.40
CA VAL C 245 -23.81 -20.97 13.76
C VAL C 245 -24.17 -19.54 14.19
N ILE C 246 -25.46 -19.23 14.27
CA ILE C 246 -25.85 -17.90 14.70
C ILE C 246 -25.53 -17.69 16.17
N ALA C 247 -25.63 -18.74 17.00
CA ALA C 247 -25.23 -18.62 18.40
C ALA C 247 -23.73 -18.32 18.51
N SER C 248 -22.91 -19.02 17.70
CA SER C 248 -21.48 -18.76 17.72
C SER C 248 -21.16 -17.35 17.25
N GLN C 249 -21.85 -16.88 16.20
CA GLN C 249 -21.64 -15.53 15.72
C GLN C 249 -22.02 -14.50 16.78
N LEU C 250 -23.14 -14.71 17.47
CA LEU C 250 -23.54 -13.79 18.54
C LEU C 250 -22.55 -13.80 19.68
N ILE C 251 -22.01 -14.97 20.04
CA ILE C 251 -21.01 -15.04 21.10
C ILE C 251 -19.74 -14.30 20.69
N ALA C 252 -19.31 -14.48 19.44
CA ALA C 252 -18.10 -13.82 18.97
C ALA C 252 -18.27 -12.30 18.97
N ARG C 253 -19.42 -11.82 18.51
CA ARG C 253 -19.68 -10.38 18.46
C ARG C 253 -20.17 -9.87 19.81
N PRO D 16 -8.22 24.88 -31.06
CA PRO D 16 -9.33 24.19 -30.38
C PRO D 16 -9.23 22.68 -30.52
N LEU D 17 -8.36 22.06 -29.74
CA LEU D 17 -8.14 20.60 -29.83
C LEU D 17 -9.22 19.86 -29.05
N VAL D 18 -9.30 20.09 -27.75
CA VAL D 18 -10.29 19.45 -26.88
C VAL D 18 -11.11 20.53 -26.22
N GLN D 19 -12.43 20.46 -26.38
CA GLN D 19 -13.34 21.46 -25.83
C GLN D 19 -14.43 20.74 -25.04
N LEU D 20 -14.74 21.28 -23.85
CA LEU D 20 -15.76 20.74 -22.97
C LEU D 20 -16.84 21.80 -22.79
N ALA D 21 -18.09 21.42 -23.04
CA ALA D 21 -19.22 22.36 -22.96
C ALA D 21 -20.31 21.75 -22.08
N GLY D 22 -20.55 22.37 -20.93
CA GLY D 22 -21.63 21.95 -20.06
C GLY D 22 -21.48 20.54 -19.51
N ILE D 23 -20.28 20.19 -19.05
CA ILE D 23 -20.02 18.84 -18.57
C ILE D 23 -20.42 18.73 -17.11
N ARG D 24 -21.26 17.76 -16.79
CA ARG D 24 -21.73 17.51 -15.43
C ARG D 24 -21.39 16.09 -15.04
N LYS D 25 -20.96 15.91 -13.79
CA LYS D 25 -20.59 14.59 -13.28
C LYS D 25 -21.01 14.49 -11.82
N CYS D 26 -21.93 13.58 -11.52
CA CYS D 26 -22.38 13.33 -10.16
C CYS D 26 -21.97 11.93 -9.74
N PHE D 27 -21.31 11.84 -8.58
CA PHE D 27 -20.82 10.57 -8.05
C PHE D 27 -21.67 10.17 -6.86
N ASP D 28 -22.50 9.14 -7.05
CA ASP D 28 -23.36 8.60 -5.98
C ASP D 28 -24.24 9.69 -5.39
N GLY D 29 -24.80 10.55 -6.24
CA GLY D 29 -25.68 11.61 -5.80
C GLY D 29 -24.97 12.86 -5.32
N LYS D 30 -23.64 12.87 -5.29
CA LYS D 30 -22.86 14.02 -4.86
C LYS D 30 -22.18 14.63 -6.07
N GLU D 31 -22.37 15.94 -6.25
CA GLU D 31 -21.91 16.62 -7.45
C GLU D 31 -20.48 17.10 -7.28
N VAL D 32 -19.61 16.71 -8.21
CA VAL D 32 -18.21 17.11 -8.18
C VAL D 32 -17.85 18.11 -9.26
N ILE D 33 -18.52 18.09 -10.40
CA ILE D 33 -18.26 19.06 -11.48
C ILE D 33 -19.57 19.73 -11.86
N PRO D 34 -19.93 20.86 -11.24
CA PRO D 34 -21.19 21.53 -11.57
C PRO D 34 -21.33 21.95 -13.03
N GLN D 35 -20.41 22.80 -13.50
CA GLN D 35 -20.46 23.33 -14.86
C GLN D 35 -19.05 23.73 -15.25
N LEU D 36 -18.48 23.05 -16.24
CA LEU D 36 -17.11 23.29 -16.67
C LEU D 36 -17.07 23.56 -18.17
N ASP D 37 -16.57 24.74 -18.53
CA ASP D 37 -16.26 25.07 -19.91
C ASP D 37 -14.75 25.27 -20.01
N LEU D 38 -14.11 24.52 -20.91
CA LEU D 38 -12.66 24.56 -21.02
C LEU D 38 -12.27 24.21 -22.45
N THR D 39 -11.35 24.98 -23.00
CA THR D 39 -10.80 24.75 -24.33
C THR D 39 -9.29 24.58 -24.24
N ILE D 40 -8.78 23.56 -24.91
CA ILE D 40 -7.36 23.24 -24.91
C ILE D 40 -6.84 23.41 -26.33
N ASN D 41 -5.79 24.22 -26.48
CA ASN D 41 -5.24 24.53 -27.79
C ASN D 41 -4.23 23.45 -28.18
N ASN D 42 -3.48 23.70 -29.26
CA ASN D 42 -2.53 22.74 -29.80
C ASN D 42 -1.11 23.24 -29.55
N GLY D 43 -0.24 22.35 -29.09
CA GLY D 43 1.16 22.70 -28.86
C GLY D 43 1.36 23.61 -27.67
N GLU D 44 0.82 23.23 -26.52
CA GLU D 44 0.95 24.04 -25.31
C GLU D 44 1.01 23.13 -24.09
N PHE D 45 1.55 23.67 -23.01
CA PHE D 45 1.65 22.98 -21.73
C PHE D 45 0.59 23.55 -20.80
N LEU D 46 -0.32 22.69 -20.34
CA LEU D 46 -1.42 23.09 -19.48
C LEU D 46 -1.33 22.32 -18.17
N THR D 47 -1.43 23.03 -17.05
CA THR D 47 -1.35 22.43 -15.73
C THR D 47 -2.60 22.78 -14.94
N LEU D 48 -3.23 21.75 -14.36
CA LEU D 48 -4.39 21.93 -13.51
C LEU D 48 -3.93 21.94 -12.06
N LEU D 49 -4.25 23.01 -11.34
CA LEU D 49 -3.76 23.24 -9.99
C LEU D 49 -4.93 23.45 -9.03
N GLY D 50 -4.71 23.08 -7.79
CA GLY D 50 -5.71 23.26 -6.75
C GLY D 50 -5.42 22.44 -5.51
N PRO D 51 -6.25 22.60 -4.50
CA PRO D 51 -6.09 21.81 -3.27
C PRO D 51 -6.57 20.38 -3.49
N SER D 52 -6.51 19.59 -2.41
CA SER D 52 -6.93 18.20 -2.49
C SER D 52 -8.44 18.10 -2.67
N GLY D 53 -8.87 17.18 -3.53
CA GLY D 53 -10.28 16.94 -3.74
C GLY D 53 -11.01 18.07 -4.44
N CYS D 54 -10.69 18.30 -5.72
CA CYS D 54 -11.38 19.33 -6.49
C CYS D 54 -11.80 18.84 -7.87
N GLY D 55 -11.68 17.54 -8.14
CA GLY D 55 -12.18 16.97 -9.38
C GLY D 55 -11.27 17.06 -10.58
N LYS D 56 -9.99 17.41 -10.39
CA LYS D 56 -9.05 17.42 -11.51
C LYS D 56 -8.86 16.02 -12.09
N THR D 57 -8.70 15.02 -11.22
CA THR D 57 -8.55 13.65 -11.69
C THR D 57 -9.79 13.16 -12.41
N THR D 58 -10.97 13.64 -12.00
CA THR D 58 -12.20 13.28 -12.71
C THR D 58 -12.16 13.81 -14.14
N VAL D 59 -11.71 15.05 -14.32
CA VAL D 59 -11.59 15.62 -15.66
C VAL D 59 -10.57 14.84 -16.47
N LEU D 60 -9.44 14.48 -15.86
CA LEU D 60 -8.43 13.70 -16.56
C LEU D 60 -8.99 12.36 -17.03
N ARG D 61 -9.72 11.68 -16.15
CA ARG D 61 -10.29 10.38 -16.52
C ARG D 61 -11.35 10.52 -17.60
N LEU D 62 -12.17 11.58 -17.51
CA LEU D 62 -13.19 11.79 -18.52
C LEU D 62 -12.59 12.06 -19.89
N ILE D 63 -11.51 12.84 -19.95
CA ILE D 63 -10.83 13.04 -21.22
C ILE D 63 -10.19 11.74 -21.70
N ALA D 64 -9.57 10.99 -20.79
CA ALA D 64 -8.90 9.74 -21.17
C ALA D 64 -9.89 8.65 -21.55
N GLY D 65 -11.14 8.75 -21.12
CA GLY D 65 -12.15 7.76 -21.45
C GLY D 65 -12.43 6.73 -20.38
N LEU D 66 -11.89 6.91 -19.17
CA LEU D 66 -12.13 5.96 -18.09
C LEU D 66 -13.52 6.11 -17.48
N GLU D 67 -14.17 7.25 -17.67
CA GLU D 67 -15.51 7.48 -17.13
C GLU D 67 -16.35 8.18 -18.20
N THR D 68 -17.66 8.19 -17.97
CA THR D 68 -18.61 8.82 -18.89
C THR D 68 -19.32 9.96 -18.18
N VAL D 69 -19.58 11.03 -18.93
CA VAL D 69 -20.23 12.20 -18.36
C VAL D 69 -21.74 11.99 -18.29
N ASP D 70 -22.39 12.78 -17.44
CA ASP D 70 -23.84 12.79 -17.35
C ASP D 70 -24.48 13.88 -18.20
N SER D 71 -23.68 14.76 -18.78
CA SER D 71 -24.15 15.83 -19.65
C SER D 71 -22.95 16.49 -20.30
N GLY D 72 -23.15 17.04 -21.49
CA GLY D 72 -22.12 17.76 -22.18
C GLY D 72 -21.57 16.99 -23.37
N ARG D 73 -20.61 17.62 -24.04
CA ARG D 73 -20.00 17.08 -25.25
C ARG D 73 -18.50 17.33 -25.22
N ILE D 74 -17.74 16.36 -25.70
CA ILE D 74 -16.28 16.46 -25.81
C ILE D 74 -15.89 16.14 -27.24
N MET D 75 -14.99 16.93 -27.82
CA MET D 75 -14.58 16.75 -29.20
C MET D 75 -13.07 16.94 -29.34
N LEU D 76 -12.51 16.23 -30.33
CA LEU D 76 -11.21 16.55 -30.89
C LEU D 76 -11.36 16.72 -32.40
N ASP D 77 -10.84 17.82 -32.93
CA ASP D 77 -10.88 18.10 -34.36
C ASP D 77 -12.31 18.03 -34.89
N ASN D 78 -13.25 18.56 -34.11
CA ASN D 78 -14.68 18.64 -34.42
C ASN D 78 -15.34 17.28 -34.53
N GLU D 79 -14.78 16.24 -33.91
CA GLU D 79 -15.38 14.91 -33.89
C GLU D 79 -15.76 14.56 -32.45
N ASP D 80 -17.03 14.22 -32.25
CA ASP D 80 -17.54 13.94 -30.92
C ASP D 80 -16.98 12.62 -30.39
N ILE D 81 -16.64 12.61 -29.10
CA ILE D 81 -16.10 11.43 -28.44
C ILE D 81 -16.86 11.13 -27.16
N THR D 82 -18.06 11.71 -27.01
CA THR D 82 -18.78 11.63 -25.75
C THR D 82 -19.03 10.18 -25.34
N HIS D 83 -19.33 9.32 -26.31
CA HIS D 83 -19.62 7.92 -26.02
C HIS D 83 -18.63 6.94 -26.63
N VAL D 84 -17.64 7.41 -27.39
CA VAL D 84 -16.61 6.53 -27.93
C VAL D 84 -15.77 5.98 -26.77
N PRO D 85 -15.53 4.67 -26.70
CA PRO D 85 -14.80 4.11 -25.56
C PRO D 85 -13.31 4.43 -25.64
N ALA D 86 -12.62 4.12 -24.54
CA ALA D 86 -11.21 4.49 -24.38
C ALA D 86 -10.29 3.82 -25.38
N GLU D 87 -10.68 2.66 -25.91
CA GLU D 87 -9.79 1.94 -26.82
C GLU D 87 -9.67 2.65 -28.17
N ASN D 88 -10.70 3.38 -28.59
CA ASN D 88 -10.74 3.99 -29.91
C ASN D 88 -10.35 5.47 -29.91
N ARG D 89 -9.95 6.02 -28.77
CA ARG D 89 -9.58 7.43 -28.68
C ARG D 89 -8.08 7.60 -28.81
N TYR D 90 -7.67 8.65 -29.52
CA TYR D 90 -6.26 8.95 -29.73
C TYR D 90 -5.68 9.79 -28.59
N VAL D 91 -5.85 9.32 -27.37
CA VAL D 91 -5.35 10.02 -26.19
C VAL D 91 -4.76 8.98 -25.23
N ASN D 92 -3.57 9.27 -24.70
CA ASN D 92 -2.89 8.37 -23.79
C ASN D 92 -2.63 9.07 -22.47
N THR D 93 -2.49 8.28 -21.40
CA THR D 93 -2.32 8.79 -20.06
C THR D 93 -1.16 8.11 -19.36
N VAL D 94 -0.53 8.82 -18.43
CA VAL D 94 0.53 8.28 -17.58
C VAL D 94 -0.02 8.22 -16.17
N PHE D 95 0.05 7.05 -15.55
CA PHE D 95 -0.53 6.82 -14.25
C PHE D 95 0.45 7.19 -13.14
N GLN D 96 -0.11 7.54 -11.98
CA GLN D 96 0.71 7.94 -10.85
C GLN D 96 1.53 6.77 -10.31
N SER D 97 0.94 5.58 -10.28
CA SER D 97 1.57 4.42 -9.65
C SER D 97 2.46 3.62 -10.60
N TYR D 98 2.60 4.03 -11.86
CA TYR D 98 3.47 3.36 -12.82
C TYR D 98 3.07 1.89 -12.97
N ALA D 99 1.88 1.69 -13.58
CA ALA D 99 1.26 0.37 -13.66
C ALA D 99 2.26 -0.73 -13.99
N LEU D 100 2.90 -0.64 -15.17
CA LEU D 100 4.14 -1.36 -15.47
C LEU D 100 4.02 -2.86 -15.18
N PHE D 101 3.23 -3.54 -16.03
CA PHE D 101 2.97 -4.98 -15.95
C PHE D 101 4.22 -5.74 -15.54
N PRO D 102 4.16 -6.53 -14.46
CA PRO D 102 5.38 -7.12 -13.90
C PRO D 102 5.87 -8.37 -14.61
N HIS D 103 5.05 -9.02 -15.44
CA HIS D 103 5.40 -10.28 -16.05
C HIS D 103 6.02 -10.12 -17.44
N MET D 104 6.27 -8.90 -17.88
CA MET D 104 6.88 -8.65 -19.18
C MET D 104 7.99 -7.62 -19.03
N THR D 105 8.96 -7.69 -19.94
CA THR D 105 10.14 -6.84 -19.88
C THR D 105 9.82 -5.42 -20.36
N VAL D 106 10.85 -4.57 -20.37
CA VAL D 106 10.67 -3.19 -20.80
C VAL D 106 10.30 -3.14 -22.28
N PHE D 107 10.96 -3.96 -23.10
CA PHE D 107 10.67 -3.98 -24.53
C PHE D 107 9.22 -4.34 -24.79
N GLU D 108 8.72 -5.40 -24.14
CA GLU D 108 7.33 -5.79 -24.31
C GLU D 108 6.38 -4.74 -23.74
N ASN D 109 6.74 -4.10 -22.63
CA ASN D 109 5.90 -3.04 -22.08
C ASN D 109 5.74 -1.90 -23.08
N VAL D 110 6.85 -1.49 -23.70
CA VAL D 110 6.80 -0.40 -24.67
C VAL D 110 6.04 -0.83 -25.93
N ALA D 111 6.22 -2.08 -26.35
CA ALA D 111 5.60 -2.54 -27.59
C ALA D 111 4.17 -3.03 -27.41
N PHE D 112 3.66 -3.03 -26.17
CA PHE D 112 2.28 -3.47 -25.93
C PHE D 112 1.28 -2.70 -26.79
N GLY D 113 1.42 -1.38 -26.83
CA GLY D 113 0.47 -0.57 -27.58
C GLY D 113 0.50 -0.83 -29.07
N LEU D 114 1.69 -1.11 -29.62
CA LEU D 114 1.80 -1.31 -31.06
C LEU D 114 1.18 -2.62 -31.51
N ARG D 115 1.30 -3.68 -30.69
CA ARG D 115 0.80 -4.99 -31.10
C ARG D 115 -0.72 -5.02 -31.18
N MET D 116 -1.40 -4.13 -30.47
CA MET D 116 -2.86 -4.09 -30.53
C MET D 116 -3.38 -3.17 -31.63
N GLN D 117 -2.51 -2.44 -32.31
CA GLN D 117 -2.88 -1.66 -33.47
C GLN D 117 -2.56 -2.36 -34.79
N LYS D 118 -2.16 -3.63 -34.73
CA LYS D 118 -1.81 -4.42 -35.91
C LYS D 118 -0.71 -3.73 -36.73
N THR D 119 0.39 -3.45 -36.05
CA THR D 119 1.56 -2.86 -36.68
C THR D 119 2.43 -3.95 -37.29
N PRO D 120 2.88 -3.81 -38.53
CA PRO D 120 3.76 -4.82 -39.13
C PRO D 120 5.04 -4.97 -38.33
N ALA D 121 5.55 -6.20 -38.28
CA ALA D 121 6.70 -6.53 -37.44
C ALA D 121 7.98 -5.86 -37.91
N ALA D 122 8.01 -5.27 -39.10
CA ALA D 122 9.22 -4.64 -39.61
C ALA D 122 9.49 -3.27 -39.00
N GLU D 123 8.54 -2.68 -38.28
CA GLU D 123 8.72 -1.35 -37.72
C GLU D 123 8.54 -1.28 -36.21
N ILE D 124 8.17 -2.38 -35.55
CA ILE D 124 7.97 -2.34 -34.10
C ILE D 124 9.29 -2.08 -33.38
N THR D 125 10.33 -2.83 -33.73
CA THR D 125 11.62 -2.70 -33.06
C THR D 125 12.24 -1.32 -33.25
N PRO D 126 12.32 -0.75 -34.47
CA PRO D 126 12.90 0.61 -34.57
C PRO D 126 12.11 1.66 -33.80
N ARG D 127 10.78 1.58 -33.83
CA ARG D 127 9.98 2.55 -33.09
C ARG D 127 10.20 2.44 -31.59
N VAL D 128 10.23 1.20 -31.07
CA VAL D 128 10.44 1.01 -29.64
C VAL D 128 11.83 1.49 -29.24
N MET D 129 12.83 1.18 -30.05
CA MET D 129 14.19 1.60 -29.73
C MET D 129 14.33 3.11 -29.76
N GLU D 130 13.69 3.77 -30.74
CA GLU D 130 13.73 5.23 -30.79
C GLU D 130 13.02 5.84 -29.58
N ALA D 131 11.88 5.27 -29.19
CA ALA D 131 11.17 5.76 -28.02
C ALA D 131 12.00 5.63 -26.75
N LEU D 132 12.72 4.50 -26.62
CA LEU D 132 13.60 4.34 -25.48
C LEU D 132 14.79 5.29 -25.55
N ARG D 133 15.24 5.62 -26.77
CA ARG D 133 16.31 6.60 -26.92
C ARG D 133 15.86 7.98 -26.45
N MET D 134 14.61 8.35 -26.73
CA MET D 134 14.12 9.67 -26.35
C MET D 134 14.17 9.87 -24.85
N VAL D 135 14.17 8.79 -24.06
CA VAL D 135 14.20 8.89 -22.61
C VAL D 135 15.49 8.33 -22.03
N GLN D 136 16.50 8.07 -22.88
CA GLN D 136 17.81 7.59 -22.44
C GLN D 136 17.69 6.28 -21.65
N LEU D 137 17.17 5.25 -22.33
CA LEU D 137 17.01 3.94 -21.73
C LEU D 137 17.41 2.84 -22.72
N GLU D 138 18.51 3.06 -23.42
CA GLU D 138 18.99 2.08 -24.40
C GLU D 138 19.45 0.79 -23.73
N THR D 139 20.30 0.90 -22.71
CA THR D 139 20.95 -0.29 -22.14
C THR D 139 19.96 -1.18 -21.41
N PHE D 140 19.02 -0.59 -20.67
CA PHE D 140 18.01 -1.37 -19.95
C PHE D 140 16.86 -1.78 -20.88
N ALA D 141 17.20 -2.42 -21.99
CA ALA D 141 16.17 -2.86 -22.93
C ALA D 141 15.44 -4.10 -22.43
N GLN D 142 16.16 -5.03 -21.79
CA GLN D 142 15.58 -6.28 -21.29
C GLN D 142 15.85 -6.37 -19.80
N ARG D 143 14.98 -5.74 -19.01
CA ARG D 143 15.03 -5.83 -17.56
C ARG D 143 13.60 -5.77 -17.04
N LYS D 144 13.27 -6.67 -16.11
CA LYS D 144 11.91 -6.70 -15.58
C LYS D 144 11.65 -5.45 -14.73
N PRO D 145 10.39 -5.03 -14.63
CA PRO D 145 10.10 -3.79 -13.89
C PRO D 145 10.13 -3.96 -12.39
N HIS D 146 11.16 -4.64 -11.88
CA HIS D 146 11.43 -4.68 -10.45
C HIS D 146 12.92 -4.56 -10.12
N GLN D 147 13.79 -4.60 -11.12
CA GLN D 147 15.22 -4.36 -10.94
C GLN D 147 15.60 -2.91 -11.19
N LEU D 148 14.62 -2.04 -11.44
CA LEU D 148 14.85 -0.63 -11.72
C LEU D 148 14.38 0.23 -10.56
N SER D 149 14.86 1.46 -10.53
CA SER D 149 14.51 2.42 -9.49
C SER D 149 13.27 3.21 -9.93
N GLY D 150 12.91 4.22 -9.12
CA GLY D 150 11.71 4.99 -9.42
C GLY D 150 11.82 5.79 -10.70
N GLY D 151 12.96 6.44 -10.92
CA GLY D 151 13.13 7.25 -12.12
C GLY D 151 13.10 6.42 -13.40
N GLN D 152 13.74 5.25 -13.37
CA GLN D 152 13.73 4.38 -14.54
C GLN D 152 12.32 3.91 -14.85
N GLN D 153 11.55 3.56 -13.81
CA GLN D 153 10.16 3.16 -14.01
C GLN D 153 9.32 4.29 -14.59
N GLN D 154 9.51 5.50 -14.07
CA GLN D 154 8.77 6.65 -14.60
C GLN D 154 9.10 6.90 -16.06
N ARG D 155 10.39 6.81 -16.41
CA ARG D 155 10.78 7.00 -17.80
C ARG D 155 10.23 5.89 -18.69
N VAL D 156 10.17 4.66 -18.19
CA VAL D 156 9.57 3.57 -18.96
C VAL D 156 8.10 3.87 -19.23
N ALA D 157 7.37 4.34 -18.21
CA ALA D 157 5.96 4.66 -18.41
C ALA D 157 5.79 5.79 -19.41
N ILE D 158 6.62 6.83 -19.31
CA ILE D 158 6.51 7.96 -20.24
C ILE D 158 6.80 7.50 -21.67
N ALA D 159 7.83 6.67 -21.85
CA ALA D 159 8.13 6.15 -23.18
C ALA D 159 7.00 5.27 -23.70
N ARG D 160 6.37 4.49 -22.82
CA ARG D 160 5.25 3.66 -23.22
C ARG D 160 4.08 4.50 -23.72
N ALA D 161 3.83 5.62 -23.05
CA ALA D 161 2.66 6.43 -23.41
C ALA D 161 2.85 7.12 -24.76
N VAL D 162 4.09 7.45 -25.14
CA VAL D 162 4.33 8.30 -26.30
C VAL D 162 4.65 7.52 -27.57
N VAL D 163 4.62 6.19 -27.54
CA VAL D 163 4.95 5.43 -28.74
C VAL D 163 3.85 5.57 -29.78
N ASN D 164 2.58 5.45 -29.36
CA ASN D 164 1.46 5.45 -30.29
C ASN D 164 1.24 6.78 -30.99
N LYS D 165 2.06 7.80 -30.70
CA LYS D 165 1.92 9.14 -31.27
C LYS D 165 0.51 9.68 -31.03
N PRO D 166 0.14 9.96 -29.78
CA PRO D 166 -1.21 10.46 -29.52
C PRO D 166 -1.31 11.96 -29.80
N ARG D 167 -2.54 12.45 -29.77
CA ARG D 167 -2.78 13.87 -29.98
C ARG D 167 -2.68 14.69 -28.70
N LEU D 168 -2.69 14.04 -27.54
CA LEU D 168 -2.42 14.71 -26.28
C LEU D 168 -2.02 13.67 -25.24
N LEU D 169 -1.08 14.04 -24.38
CA LEU D 169 -0.60 13.17 -23.31
C LEU D 169 -1.14 13.69 -21.98
N LEU D 170 -1.75 12.80 -21.20
CA LEU D 170 -2.34 13.15 -19.92
C LEU D 170 -1.46 12.63 -18.80
N LEU D 171 -1.13 13.51 -17.86
CA LEU D 171 -0.26 13.17 -16.73
C LEU D 171 -1.00 13.44 -15.42
N ASP D 172 -0.92 12.48 -14.50
CA ASP D 172 -1.66 12.56 -13.24
C ASP D 172 -0.61 12.35 -12.14
N GLN D 173 -0.14 13.44 -11.55
CA GLN D 173 0.80 13.42 -10.43
C GLN D 173 1.99 12.50 -10.72
N SER D 174 2.65 12.75 -11.85
CA SER D 174 3.65 11.81 -12.35
C SER D 174 4.88 11.75 -11.46
N LEU D 175 5.43 12.90 -11.08
CA LEU D 175 6.70 12.96 -10.36
C LEU D 175 6.51 13.27 -8.88
N SER D 176 5.42 12.80 -8.28
CA SER D 176 5.14 13.13 -6.89
C SER D 176 5.98 12.34 -5.90
N ALA D 177 6.37 11.11 -6.25
CA ALA D 177 7.00 10.20 -5.30
C ALA D 177 8.51 10.10 -5.48
N LEU D 178 9.15 11.15 -5.97
CA LEU D 178 10.59 11.17 -6.15
C LEU D 178 11.24 12.13 -5.15
N ASP D 179 12.57 12.18 -5.19
CA ASP D 179 13.32 13.06 -4.30
C ASP D 179 13.33 14.49 -4.85
N TYR D 180 14.00 15.38 -4.14
CA TYR D 180 14.05 16.79 -4.51
C TYR D 180 15.15 17.11 -5.50
N LYS D 181 15.98 16.13 -5.86
CA LYS D 181 17.05 16.33 -6.84
C LYS D 181 16.65 15.84 -8.24
N LEU D 182 16.10 14.62 -8.33
CA LEU D 182 15.64 14.11 -9.62
C LEU D 182 14.42 14.88 -10.12
N ARG D 183 13.62 15.41 -9.21
CA ARG D 183 12.41 16.13 -9.59
C ARG D 183 12.76 17.35 -10.45
N LYS D 184 13.74 18.14 -10.02
CA LYS D 184 14.11 19.34 -10.75
C LYS D 184 14.68 19.00 -12.12
N GLN D 185 15.51 17.96 -12.19
CA GLN D 185 16.07 17.55 -13.48
C GLN D 185 14.97 17.09 -14.44
N MET D 186 14.06 16.26 -13.94
CA MET D 186 13.05 15.69 -14.83
C MET D 186 11.94 16.67 -15.18
N GLN D 187 11.76 17.74 -14.40
CA GLN D 187 10.87 18.81 -14.85
C GLN D 187 11.37 19.44 -16.14
N ASN D 188 12.65 19.83 -16.15
CA ASN D 188 13.25 20.38 -17.36
C ASN D 188 13.27 19.35 -18.48
N GLU D 189 13.51 18.07 -18.14
CA GLU D 189 13.49 17.03 -19.14
C GLU D 189 12.12 16.91 -19.80
N LEU D 190 11.05 16.96 -19.00
CA LEU D 190 9.70 16.89 -19.55
C LEU D 190 9.38 18.11 -20.40
N LYS D 191 9.80 19.29 -19.96
CA LYS D 191 9.56 20.49 -20.77
C LYS D 191 10.27 20.39 -22.11
N ALA D 192 11.53 19.94 -22.11
CA ALA D 192 12.27 19.79 -23.36
C ALA D 192 11.64 18.74 -24.25
N LEU D 193 11.18 17.63 -23.67
CA LEU D 193 10.52 16.59 -24.46
C LEU D 193 9.25 17.10 -25.11
N GLN D 194 8.46 17.88 -24.35
CA GLN D 194 7.24 18.45 -24.93
C GLN D 194 7.56 19.43 -26.04
N ARG D 195 8.59 20.25 -25.86
CA ARG D 195 8.98 21.19 -26.91
C ARG D 195 9.45 20.45 -28.16
N LYS D 196 10.22 19.37 -27.98
CA LYS D 196 10.80 18.67 -29.13
C LYS D 196 9.75 17.85 -29.88
N LEU D 197 8.84 17.20 -29.16
CA LEU D 197 7.94 16.26 -29.83
C LEU D 197 6.82 17.00 -30.55
N GLY D 198 6.06 17.82 -29.84
CA GLY D 198 5.06 18.66 -30.46
C GLY D 198 3.61 18.26 -30.26
N ILE D 199 3.24 17.86 -29.04
CA ILE D 199 1.84 17.67 -28.69
C ILE D 199 1.56 18.41 -27.39
N THR D 200 0.28 18.69 -27.16
CA THR D 200 -0.12 19.38 -25.94
C THR D 200 -0.06 18.43 -24.76
N PHE D 201 0.32 18.97 -23.61
CA PHE D 201 0.44 18.22 -22.37
C PHE D 201 -0.54 18.78 -21.35
N VAL D 202 -1.20 17.88 -20.63
CA VAL D 202 -2.12 18.24 -19.55
C VAL D 202 -1.60 17.61 -18.26
N PHE D 203 -1.38 18.43 -17.25
CA PHE D 203 -0.73 18.02 -16.01
C PHE D 203 -1.62 18.32 -14.83
N VAL D 204 -1.68 17.40 -13.87
CA VAL D 204 -2.40 17.59 -12.62
C VAL D 204 -1.39 17.48 -11.49
N THR D 205 -1.30 18.51 -10.67
CA THR D 205 -0.33 18.54 -9.59
C THR D 205 -0.85 19.40 -8.44
N HIS D 206 -0.31 19.16 -7.25
CA HIS D 206 -0.66 19.90 -6.05
C HIS D 206 0.43 20.86 -5.61
N ASP D 207 1.48 21.03 -6.41
CA ASP D 207 2.61 21.89 -6.08
C ASP D 207 2.55 23.15 -6.93
N GLN D 208 2.69 24.30 -6.27
CA GLN D 208 2.64 25.57 -7.00
C GLN D 208 3.92 25.82 -7.77
N GLU D 209 5.06 25.39 -7.23
CA GLU D 209 6.35 25.63 -7.89
C GLU D 209 6.40 24.93 -9.24
N GLU D 210 5.94 23.69 -9.32
CA GLU D 210 5.95 22.95 -10.58
C GLU D 210 5.10 23.66 -11.62
N ALA D 211 3.88 24.08 -11.24
CA ALA D 211 3.01 24.77 -12.17
C ALA D 211 3.61 26.09 -12.62
N LEU D 212 4.32 26.78 -11.74
CA LEU D 212 4.88 28.07 -12.09
C LEU D 212 6.08 27.92 -13.02
N THR D 213 6.91 26.90 -12.81
CA THR D 213 8.14 26.78 -13.57
C THR D 213 8.04 25.86 -14.78
N MET D 214 6.92 25.16 -14.97
CA MET D 214 6.86 24.12 -15.99
C MET D 214 5.73 24.30 -17.00
N SER D 215 4.88 25.31 -16.84
CA SER D 215 3.66 25.40 -17.63
C SER D 215 3.69 26.60 -18.56
N ASP D 216 2.71 26.63 -19.47
CA ASP D 216 2.44 27.77 -20.33
C ASP D 216 1.04 28.32 -20.13
N ARG D 217 0.19 27.65 -19.35
CA ARG D 217 -1.15 28.11 -19.04
C ARG D 217 -1.69 27.33 -17.85
N ILE D 218 -2.12 28.03 -16.79
CA ILE D 218 -2.50 27.41 -15.54
C ILE D 218 -3.99 27.60 -15.31
N VAL D 219 -4.68 26.53 -14.94
CA VAL D 219 -6.09 26.58 -14.56
C VAL D 219 -6.18 26.16 -13.11
N VAL D 220 -6.75 27.04 -12.28
CA VAL D 220 -6.88 26.81 -10.84
C VAL D 220 -8.33 26.41 -10.57
N MET D 221 -8.51 25.27 -9.91
CA MET D 221 -9.82 24.73 -9.61
C MET D 221 -9.99 24.56 -8.11
N ARG D 222 -11.23 24.76 -7.65
CA ARG D 222 -11.57 24.54 -6.24
C ARG D 222 -13.03 24.15 -6.18
N ASP D 223 -13.30 22.96 -5.63
CA ASP D 223 -14.66 22.44 -5.49
C ASP D 223 -15.37 22.35 -6.84
N GLY D 224 -14.62 21.98 -7.88
CA GLY D 224 -15.19 21.72 -9.18
C GLY D 224 -15.41 22.93 -10.06
N ARG D 225 -15.01 24.13 -9.64
CA ARG D 225 -15.19 25.34 -10.42
C ARG D 225 -13.85 25.95 -10.77
N ILE D 226 -13.76 26.49 -11.98
CA ILE D 226 -12.56 27.19 -12.42
C ILE D 226 -12.53 28.56 -11.76
N GLU D 227 -11.43 28.87 -11.07
CA GLU D 227 -11.28 30.16 -10.41
C GLU D 227 -10.54 31.17 -11.28
N GLN D 228 -9.46 30.76 -11.92
CA GLN D 228 -8.70 31.63 -12.80
C GLN D 228 -7.90 30.80 -13.78
N ASP D 229 -7.76 31.30 -15.00
CA ASP D 229 -7.00 30.63 -16.05
C ASP D 229 -6.15 31.69 -16.72
N GLY D 230 -4.85 31.42 -16.87
CA GLY D 230 -3.98 32.36 -17.54
C GLY D 230 -2.53 31.93 -17.42
N THR D 231 -1.67 32.75 -18.01
CA THR D 231 -0.24 32.51 -17.95
C THR D 231 0.26 32.74 -16.53
N PRO D 232 1.39 32.11 -16.15
CA PRO D 232 1.87 32.24 -14.76
C PRO D 232 2.05 33.67 -14.27
N ARG D 233 2.45 34.60 -15.15
CA ARG D 233 2.59 35.99 -14.73
C ARG D 233 1.26 36.56 -14.24
N GLU D 234 0.19 36.36 -15.01
CA GLU D 234 -1.11 36.88 -14.59
C GLU D 234 -1.61 36.17 -13.34
N ILE D 235 -1.38 34.86 -13.24
CA ILE D 235 -1.88 34.11 -12.10
C ILE D 235 -1.18 34.53 -10.82
N TYR D 236 0.15 34.67 -10.85
CA TYR D 236 0.88 35.02 -9.64
C TYR D 236 0.75 36.51 -9.30
N GLU D 237 0.85 37.39 -10.29
CA GLU D 237 1.03 38.81 -10.02
C GLU D 237 -0.22 39.65 -10.19
N GLU D 238 -1.26 39.13 -10.87
CA GLU D 238 -2.53 39.83 -11.01
C GLU D 238 -3.66 38.87 -10.66
N PRO D 239 -3.83 38.54 -9.38
CA PRO D 239 -4.94 37.66 -9.00
C PRO D 239 -6.29 38.36 -9.16
N LYS D 240 -7.32 37.54 -9.31
CA LYS D 240 -8.68 38.04 -9.52
C LYS D 240 -9.51 38.05 -8.24
N ASN D 241 -9.27 37.12 -7.32
CA ASN D 241 -10.03 37.04 -6.08
C ASN D 241 -9.05 36.79 -4.93
N LEU D 242 -9.60 36.56 -3.74
CA LEU D 242 -8.80 36.36 -2.54
C LEU D 242 -8.33 34.93 -2.36
N PHE D 243 -8.87 33.97 -3.13
CA PHE D 243 -8.41 32.59 -3.00
C PHE D 243 -7.10 32.37 -3.74
N VAL D 244 -7.02 32.82 -4.99
CA VAL D 244 -5.78 32.68 -5.75
C VAL D 244 -4.66 33.46 -5.07
N ALA D 245 -4.95 34.67 -4.62
CA ALA D 245 -4.00 35.47 -3.85
C ALA D 245 -3.97 34.91 -2.44
N GLY D 246 -3.09 33.93 -2.22
CA GLY D 246 -3.01 33.26 -0.94
C GLY D 246 -2.78 31.77 -1.09
N PHE D 247 -3.27 31.19 -2.18
CA PHE D 247 -2.93 29.81 -2.49
C PHE D 247 -1.50 29.69 -3.01
N ILE D 248 -1.08 30.63 -3.86
CA ILE D 248 0.27 30.66 -4.40
C ILE D 248 1.03 31.73 -3.62
N GLY D 249 1.86 31.31 -2.69
CA GLY D 249 2.68 32.24 -1.93
C GLY D 249 1.91 32.98 -0.85
N GLU D 250 2.64 33.47 0.15
CA GLU D 250 2.02 34.20 1.24
C GLU D 250 1.53 35.57 0.76
N ILE D 251 0.45 36.04 1.38
CA ILE D 251 -0.12 37.34 1.06
C ILE D 251 -0.43 38.08 2.36
N ASN D 252 -0.43 39.40 2.28
CA ASN D 252 -0.75 40.28 3.40
C ASN D 252 -1.93 41.14 3.01
N MET D 253 -3.11 40.85 3.57
CA MET D 253 -4.33 41.56 3.23
C MET D 253 -4.52 42.70 4.21
N PHE D 254 -4.78 43.90 3.66
CA PHE D 254 -5.00 45.11 4.45
C PHE D 254 -6.34 45.72 4.05
N ASN D 255 -7.16 46.03 5.03
CA ASN D 255 -8.42 46.72 4.78
C ASN D 255 -8.14 48.22 4.66
N ALA D 256 -8.59 48.83 3.56
CA ALA D 256 -8.36 50.24 3.30
C ALA D 256 -9.65 50.84 2.78
N THR D 257 -10.49 51.33 3.70
CA THR D 257 -11.73 52.00 3.32
C THR D 257 -11.41 53.35 2.69
N VAL D 258 -12.16 53.68 1.63
CA VAL D 258 -11.97 54.93 0.90
C VAL D 258 -12.96 55.94 1.48
N ILE D 259 -12.45 57.09 1.93
CA ILE D 259 -13.32 58.16 2.40
C ILE D 259 -13.51 59.21 1.32
N GLU D 260 -12.44 59.52 0.57
CA GLU D 260 -12.50 60.49 -0.50
C GLU D 260 -11.51 60.09 -1.57
N ARG D 261 -11.72 60.59 -2.79
CA ARG D 261 -10.91 60.29 -3.95
C ARG D 261 -10.27 61.58 -4.46
N LEU D 262 -8.97 61.53 -4.75
CA LEU D 262 -8.24 62.72 -5.13
C LEU D 262 -8.23 62.93 -6.64
N ASP D 263 -7.84 61.92 -7.42
CA ASP D 263 -7.81 62.05 -8.87
C ASP D 263 -8.12 60.69 -9.48
N GLU D 264 -7.82 60.54 -10.78
CA GLU D 264 -8.29 59.39 -11.53
C GLU D 264 -7.69 58.08 -11.01
N GLN D 265 -6.37 58.03 -10.89
CA GLN D 265 -5.68 56.82 -10.44
C GLN D 265 -5.21 56.92 -8.99
N ARG D 266 -4.67 58.07 -8.60
CA ARG D 266 -4.20 58.28 -7.25
C ARG D 266 -5.38 58.50 -6.30
N VAL D 267 -5.79 57.44 -5.59
CA VAL D 267 -6.93 57.51 -4.69
C VAL D 267 -6.44 57.65 -3.26
N ARG D 268 -7.19 58.40 -2.45
CA ARG D 268 -6.89 58.54 -1.04
C ARG D 268 -7.56 57.41 -0.26
N ALA D 269 -6.77 56.68 0.51
CA ALA D 269 -7.27 55.54 1.25
C ALA D 269 -6.80 55.60 2.70
N ASN D 270 -7.72 55.39 3.63
CA ASN D 270 -7.40 55.28 5.05
C ASN D 270 -7.05 53.82 5.37
N VAL D 271 -5.77 53.50 5.17
CA VAL D 271 -5.31 52.12 5.34
C VAL D 271 -5.09 51.87 6.83
N GLU D 272 -6.14 51.39 7.50
CA GLU D 272 -6.11 51.11 8.94
C GLU D 272 -5.66 52.34 9.74
N GLY D 273 -6.31 53.47 9.44
CA GLY D 273 -6.08 54.69 10.18
C GLY D 273 -4.80 55.42 9.80
N ARG D 274 -4.19 55.03 8.69
CA ARG D 274 -2.96 55.66 8.24
C ARG D 274 -3.28 56.74 7.20
N GLU D 275 -2.24 57.30 6.59
CA GLU D 275 -2.37 58.28 5.50
C GLU D 275 -1.51 57.77 4.36
N CYS D 276 -2.09 56.94 3.50
CA CYS D 276 -1.32 56.30 2.43
C CYS D 276 -2.19 56.26 1.18
N ASN D 277 -1.70 56.87 0.10
CA ASN D 277 -2.37 56.88 -1.18
C ASN D 277 -1.80 55.81 -2.11
N ILE D 278 -2.66 55.25 -2.95
CA ILE D 278 -2.37 54.04 -3.70
C ILE D 278 -2.88 54.20 -5.13
N TYR D 279 -2.70 53.14 -5.92
CA TYR D 279 -3.12 53.08 -7.31
C TYR D 279 -4.37 52.21 -7.43
N VAL D 280 -5.40 52.75 -8.07
CA VAL D 280 -6.61 51.99 -8.40
C VAL D 280 -6.95 52.25 -9.86
N ASN D 281 -7.11 51.18 -10.63
CA ASN D 281 -7.31 51.27 -12.07
C ASN D 281 -8.77 51.15 -12.49
N PHE D 282 -9.69 51.05 -11.55
CA PHE D 282 -11.11 50.93 -11.87
C PHE D 282 -11.92 51.92 -11.05
N ALA D 283 -13.09 52.26 -11.56
CA ALA D 283 -13.92 53.30 -10.94
C ALA D 283 -14.41 52.87 -9.58
N VAL D 284 -14.36 53.78 -8.61
CA VAL D 284 -14.83 53.57 -7.25
C VAL D 284 -15.52 54.84 -6.78
N GLU D 285 -16.20 54.72 -5.65
CA GLU D 285 -16.91 55.86 -5.05
C GLU D 285 -16.56 55.95 -3.57
N PRO D 286 -16.58 57.17 -3.01
CA PRO D 286 -16.24 57.32 -1.59
C PRO D 286 -17.16 56.50 -0.70
N GLY D 287 -16.59 55.93 0.34
CA GLY D 287 -17.31 55.04 1.23
C GLY D 287 -17.20 53.57 0.89
N GLN D 288 -16.54 53.22 -0.21
CA GLN D 288 -16.37 51.83 -0.59
C GLN D 288 -15.28 51.16 0.24
N LYS D 289 -15.28 49.84 0.23
CA LYS D 289 -14.31 49.04 0.95
C LYS D 289 -13.39 48.36 -0.06
N LEU D 290 -12.09 48.56 0.10
CA LEU D 290 -11.10 48.01 -0.82
C LEU D 290 -10.08 47.18 -0.05
N HIS D 291 -9.61 46.11 -0.68
CA HIS D 291 -8.60 45.23 -0.11
C HIS D 291 -7.26 45.52 -0.77
N VAL D 292 -6.27 45.89 0.04
CA VAL D 292 -4.93 46.17 -0.45
C VAL D 292 -4.06 44.96 -0.14
N LEU D 293 -3.48 44.37 -1.19
CA LEU D 293 -2.70 43.14 -1.08
C LEU D 293 -1.25 43.42 -1.42
N LEU D 294 -0.34 42.91 -0.59
CA LEU D 294 1.09 43.06 -0.81
C LEU D 294 1.79 41.74 -0.50
N ARG D 295 2.85 41.47 -1.25
CA ARG D 295 3.65 40.29 -1.02
C ARG D 295 4.66 40.53 0.09
N PRO D 296 5.09 39.46 0.77
CA PRO D 296 6.07 39.64 1.86
C PRO D 296 7.37 40.28 1.42
N GLU D 297 7.82 40.03 0.20
CA GLU D 297 9.09 40.58 -0.27
C GLU D 297 8.99 42.02 -0.75
N ASP D 298 7.78 42.59 -0.79
CA ASP D 298 7.58 43.96 -1.24
C ASP D 298 7.35 44.92 -0.08
N LEU D 299 7.87 44.60 1.11
CA LEU D 299 7.74 45.46 2.27
C LEU D 299 9.12 45.72 2.86
N ARG D 300 9.26 46.88 3.50
CA ARG D 300 10.53 47.32 4.06
C ARG D 300 10.38 47.61 5.55
N VAL D 301 11.52 47.59 6.25
CA VAL D 301 11.58 47.89 7.66
C VAL D 301 12.66 48.95 7.90
N GLU D 302 12.62 49.54 9.10
CA GLU D 302 13.55 50.60 9.46
C GLU D 302 14.00 50.37 10.90
N GLU D 303 15.28 50.10 11.10
CA GLU D 303 15.80 49.77 12.42
C GLU D 303 16.38 51.01 13.10
N ILE D 304 15.94 51.26 14.33
CA ILE D 304 16.41 52.39 15.12
C ILE D 304 16.62 51.91 16.56
N ASN D 305 17.70 52.38 17.19
CA ASN D 305 18.00 51.96 18.56
C ASN D 305 17.01 52.55 19.56
N ASP D 306 16.58 53.79 19.34
CA ASP D 306 15.71 54.46 20.29
C ASP D 306 14.35 53.78 20.36
N ASP D 307 13.79 53.73 21.58
CA ASP D 307 12.53 53.04 21.79
C ASP D 307 11.32 53.87 21.33
N ASN D 308 11.54 55.13 20.99
CA ASN D 308 10.45 55.99 20.54
C ASN D 308 9.88 55.50 19.22
N HIS D 309 8.55 55.54 19.11
CA HIS D 309 7.86 55.08 17.90
C HIS D 309 7.77 56.24 16.91
N ALA D 310 8.23 56.01 15.68
CA ALA D 310 8.20 57.04 14.66
C ALA D 310 8.34 56.38 13.29
N GLU D 311 8.53 57.18 12.25
CA GLU D 311 8.80 56.72 10.88
C GLU D 311 7.64 55.96 10.28
N GLY D 312 6.50 55.90 10.97
CA GLY D 312 5.35 55.20 10.47
C GLY D 312 4.57 54.57 11.61
N LEU D 313 3.92 53.45 11.30
CA LEU D 313 3.06 52.79 12.26
C LEU D 313 3.90 52.03 13.30
N ILE D 314 3.19 51.27 14.15
CA ILE D 314 3.83 50.58 15.25
C ILE D 314 4.63 49.38 14.72
N GLY D 315 5.61 48.96 15.52
CA GLY D 315 6.42 47.80 15.19
C GLY D 315 6.54 46.85 16.38
N TYR D 316 6.47 45.56 16.12
CA TYR D 316 6.50 44.56 17.17
C TYR D 316 6.88 43.22 16.55
N VAL D 317 8.03 42.68 16.96
CA VAL D 317 8.58 41.48 16.37
C VAL D 317 8.39 40.31 17.31
N ARG D 318 7.76 39.24 16.83
CA ARG D 318 7.60 38.03 17.62
C ARG D 318 8.92 37.25 17.68
N GLU D 319 9.39 36.77 16.53
CA GLU D 319 10.67 36.08 16.43
C GLU D 319 11.31 36.49 15.11
N ARG D 320 12.44 35.85 14.79
CA ARG D 320 13.06 35.95 13.47
C ARG D 320 13.39 34.55 13.01
N ASN D 321 12.73 34.12 11.93
CA ASN D 321 12.66 32.70 11.59
C ASN D 321 14.02 32.14 11.19
N TYR D 322 14.71 32.79 10.26
CA TYR D 322 15.98 32.31 9.72
C TYR D 322 15.83 30.90 9.13
N LYS D 323 15.10 30.83 8.03
CA LYS D 323 15.01 29.60 7.25
C LYS D 323 16.15 29.44 6.24
N GLY D 324 17.30 30.04 6.51
CA GLY D 324 18.45 29.88 5.63
C GLY D 324 18.56 30.98 4.59
N MET D 325 18.04 30.71 3.39
CA MET D 325 18.06 31.69 2.31
C MET D 325 17.46 33.02 2.72
N THR D 326 16.30 32.99 3.37
CA THR D 326 15.56 34.20 3.69
C THR D 326 15.24 34.26 5.18
N LEU D 327 15.06 35.48 5.68
CA LEU D 327 14.70 35.74 7.07
C LEU D 327 13.35 36.44 7.10
N GLU D 328 12.40 35.86 7.81
CA GLU D 328 11.06 36.42 7.93
C GLU D 328 10.85 36.97 9.33
N SER D 329 10.33 38.19 9.40
CA SER D 329 10.08 38.88 10.67
C SER D 329 8.62 39.25 10.76
N VAL D 330 8.05 39.09 11.96
CA VAL D 330 6.68 39.47 12.22
C VAL D 330 6.66 40.91 12.68
N VAL D 331 5.72 41.70 12.16
CA VAL D 331 5.56 43.10 12.55
C VAL D 331 4.12 43.28 12.98
N GLU D 332 3.89 43.33 14.29
CA GLU D 332 2.56 43.57 14.82
C GLU D 332 2.26 45.07 14.81
N LEU D 333 1.10 45.44 14.29
CA LEU D 333 0.71 46.83 14.16
C LEU D 333 -0.13 47.24 15.36
N GLU D 334 -0.67 48.46 15.31
CA GLU D 334 -1.53 48.95 16.38
C GLU D 334 -2.82 48.12 16.45
N ASN D 335 -3.41 47.80 15.31
CA ASN D 335 -4.65 47.04 15.27
C ASN D 335 -4.51 45.60 15.74
N GLY D 336 -3.30 45.04 15.65
CA GLY D 336 -3.07 43.69 16.14
C GLY D 336 -3.02 42.60 15.09
N LYS D 337 -2.63 42.92 13.86
CA LYS D 337 -2.47 41.93 12.81
C LYS D 337 -1.02 41.85 12.37
N MET D 338 -0.60 40.67 11.92
CA MET D 338 0.77 40.45 11.51
C MET D 338 1.03 41.07 10.15
N VAL D 339 2.32 41.21 9.81
CA VAL D 339 2.75 41.81 8.56
C VAL D 339 3.54 40.84 7.70
N MET D 340 4.41 40.03 8.30
CA MET D 340 5.12 38.94 7.62
C MET D 340 6.01 39.47 6.48
N VAL D 341 7.03 40.22 6.86
CA VAL D 341 8.05 40.63 5.90
C VAL D 341 8.98 39.46 5.62
N SER D 342 9.52 39.44 4.40
CA SER D 342 10.49 38.42 3.99
C SER D 342 11.53 39.09 3.10
N GLU D 343 12.81 38.88 3.42
CA GLU D 343 13.89 39.55 2.72
C GLU D 343 15.19 38.82 2.99
N PHE D 344 16.16 39.04 2.09
CA PHE D 344 17.37 38.23 2.05
C PHE D 344 18.24 38.46 3.28
N PHE D 345 18.88 37.36 3.69
CA PHE D 345 19.78 37.36 4.81
C PHE D 345 21.24 37.45 4.39
N ASN D 346 21.76 38.66 4.40
CA ASN D 346 23.17 38.92 4.11
C ASN D 346 23.77 39.05 5.49
N GLU D 347 24.66 38.15 5.80
CA GLU D 347 25.24 38.11 7.09
C GLU D 347 26.23 39.11 7.16
N ASP D 348 27.32 38.94 6.42
CA ASP D 348 28.41 39.92 6.43
C ASP D 348 27.90 41.31 6.07
N ASP D 349 27.48 42.06 7.09
CA ASP D 349 26.96 43.41 6.88
C ASP D 349 27.35 44.33 8.03
N PRO D 350 27.90 45.50 7.70
CA PRO D 350 28.32 46.50 8.70
C PRO D 350 27.15 47.23 9.35
N ASP D 351 25.98 47.20 8.72
CA ASP D 351 24.81 47.87 9.26
C ASP D 351 23.49 47.21 8.83
N PHE D 352 23.24 46.01 9.33
CA PHE D 352 22.02 45.30 9.02
C PHE D 352 21.49 44.54 10.18
N ASP D 353 22.33 43.66 10.75
CA ASP D 353 21.99 42.74 11.85
C ASP D 353 20.93 43.17 12.83
N HIS D 354 20.06 42.21 13.00
CA HIS D 354 18.73 42.42 13.57
C HIS D 354 18.72 42.81 15.05
N SER D 355 17.60 43.38 15.49
CA SER D 355 17.37 43.70 16.90
C SER D 355 15.90 43.41 17.21
N LEU D 356 15.64 42.87 18.40
CA LEU D 356 14.30 42.40 18.76
C LEU D 356 13.51 43.48 19.49
N ASP D 357 12.18 43.35 19.40
CA ASP D 357 11.24 44.07 20.27
C ASP D 357 11.44 45.58 20.23
N GLN D 358 11.57 46.13 19.02
CA GLN D 358 11.80 47.54 18.82
C GLN D 358 10.54 48.12 18.18
N LYS D 359 10.51 49.44 17.94
CA LYS D 359 9.37 50.12 17.34
C LYS D 359 9.75 50.53 15.91
N MET D 360 9.50 49.62 14.96
CA MET D 360 9.94 49.82 13.59
C MET D 360 8.83 50.45 12.74
N ALA D 361 9.06 50.50 11.43
CA ALA D 361 8.10 51.03 10.47
C ALA D 361 8.01 50.10 9.27
N ILE D 362 6.88 50.16 8.57
CA ILE D 362 6.63 49.35 7.39
C ILE D 362 6.25 50.26 6.24
N ASN D 363 6.72 49.93 5.04
CA ASN D 363 6.50 50.74 3.86
C ASN D 363 6.45 49.86 2.62
N TRP D 364 5.86 50.38 1.55
CA TRP D 364 5.87 49.73 0.25
C TRP D 364 6.58 50.63 -0.75
N VAL D 365 6.52 50.23 -2.03
CA VAL D 365 7.41 50.76 -3.05
C VAL D 365 6.61 51.53 -4.09
N GLU D 366 5.56 52.23 -3.65
CA GLU D 366 4.82 53.13 -4.53
C GLU D 366 4.13 52.39 -5.68
N SER D 367 3.06 51.66 -5.37
CA SER D 367 2.18 50.99 -6.33
C SER D 367 2.75 49.67 -6.84
N TRP D 368 3.60 49.03 -6.05
CA TRP D 368 3.94 47.63 -6.26
C TRP D 368 2.87 46.69 -5.72
N GLU D 369 1.74 47.23 -5.26
CA GLU D 369 0.70 46.44 -4.61
C GLU D 369 -0.36 46.01 -5.61
N VAL D 370 -1.36 45.28 -5.11
CA VAL D 370 -2.51 44.84 -5.89
C VAL D 370 -3.76 45.22 -5.11
N VAL D 371 -4.70 45.88 -5.77
CA VAL D 371 -5.92 46.37 -5.14
C VAL D 371 -7.11 45.62 -5.73
N LEU D 372 -7.93 45.04 -4.85
CA LEU D 372 -9.14 44.33 -5.25
C LEU D 372 -10.35 45.00 -4.60
N ALA D 373 -11.48 44.92 -5.30
CA ALA D 373 -12.72 45.49 -4.80
C ALA D 373 -13.23 44.72 -3.59
#